data_5JYC
#
_entry.id   5JYC
#
_cell.length_a   168.93
_cell.length_b   83.602
_cell.length_c   89.241
_cell.angle_alpha   90.00
_cell.angle_beta   100.38
_cell.angle_gamma   90.00
#
_symmetry.space_group_name_H-M   'C 1 2 1'
#
loop_
_entity.id
_entity.type
_entity.pdbx_description
1 polymer 'CFTR inhibitory factor'
2 non-polymer '(5~{Z},11~{Z},14~{R},15~{R})-14,15-bis(oxidanyl)icosa-5,8,11-trienoic acid'
3 water water
#
_entity_poly.entity_id   1
_entity_poly.type   'polypeptide(L)'
_entity_poly.pdbx_seq_one_letter_code
;AEEFPVPNGFESAYREVDGVKLHYVKGGQGPLVMLVHGFGQTWYEWHQLMPELAKRFTVIAPDLPGLGQSEPPKTGYSGE
QVAVYLHKLARQFSPDRPFDLVAHDIGIWNTYPMVVKNQADIARLVYMQAPIPDARIYRFPAFTAQGESLVWHFSFFAAD
DRLAETLIAGKERFFLEHFIKSHASNTEVFSERLLDLYARSYAKPHSLNASFEYYRALNESVRQNAELAKTRLQMPTMTL
AGGGHGGMGTFQLEQMKAYAEDVEGHVLPGCGHWLPEECAAPMNRLVIDFLSRGRHHHHHH
;
_entity_poly.pdbx_strand_id   A,B,C,D
#
# COMPACT_ATOMS: atom_id res chain seq x y z
N ALA A 1 -0.96 15.61 -29.57
CA ALA A 1 -1.26 14.59 -28.57
C ALA A 1 -0.51 14.84 -27.26
N GLU A 2 -1.24 14.83 -26.15
CA GLU A 2 -0.66 15.07 -24.83
C GLU A 2 -0.90 13.84 -23.98
N GLU A 3 0.17 13.31 -23.37
CA GLU A 3 -0.01 12.17 -22.48
C GLU A 3 -0.72 12.55 -21.19
N PHE A 4 -0.67 13.82 -20.79
CA PHE A 4 -1.22 14.27 -19.52
C PHE A 4 -1.87 15.63 -19.71
N PRO A 5 -2.91 15.94 -18.92
CA PRO A 5 -3.64 17.21 -19.10
C PRO A 5 -2.79 18.42 -18.73
N VAL A 6 -2.66 19.34 -19.67
CA VAL A 6 -1.87 20.55 -19.42
C VAL A 6 -2.71 21.50 -18.57
N PRO A 7 -2.19 21.99 -17.45
CA PRO A 7 -2.99 22.89 -16.61
C PRO A 7 -3.31 24.19 -17.34
N ASN A 8 -4.42 24.80 -16.95
CA ASN A 8 -4.91 26.00 -17.62
C ASN A 8 -3.86 27.11 -17.60
N GLY A 9 -3.62 27.71 -18.76
CA GLY A 9 -2.65 28.78 -18.87
C GLY A 9 -1.23 28.36 -19.15
N PHE A 10 -0.96 27.07 -19.26
CA PHE A 10 0.36 26.57 -19.63
C PHE A 10 0.35 26.09 -21.09
N GLU A 11 1.53 26.01 -21.69
CA GLU A 11 1.69 25.46 -23.02
C GLU A 11 2.55 24.21 -22.98
N SER A 12 2.17 23.20 -23.76
CA SER A 12 3.01 22.05 -24.03
C SER A 12 3.76 22.32 -25.32
N ALA A 13 5.09 22.20 -25.28
CA ALA A 13 5.92 22.58 -26.41
C ALA A 13 7.13 21.66 -26.48
N TYR A 14 7.94 21.86 -27.51
CA TYR A 14 9.11 21.04 -27.75
C TYR A 14 10.28 21.94 -28.12
N ARG A 15 11.48 21.58 -27.67
CA ARG A 15 12.64 22.29 -28.16
C ARG A 15 13.78 21.33 -28.43
N GLU A 16 14.40 21.50 -29.59
CA GLU A 16 15.56 20.71 -30.00
C GLU A 16 16.78 21.23 -29.26
N VAL A 17 17.47 20.34 -28.54
CA VAL A 17 18.68 20.66 -27.81
C VAL A 17 19.72 19.63 -28.20
N ASP A 18 20.81 20.07 -28.86
CA ASP A 18 21.87 19.18 -29.31
C ASP A 18 21.32 17.94 -30.01
N GLY A 19 20.41 18.17 -30.96
CA GLY A 19 19.81 17.10 -31.73
C GLY A 19 18.74 16.28 -31.03
N VAL A 20 18.34 16.64 -29.80
CA VAL A 20 17.33 15.88 -29.07
C VAL A 20 16.13 16.78 -28.84
N LYS A 21 14.96 16.33 -29.27
CA LYS A 21 13.71 17.06 -29.07
C LYS A 21 13.20 16.78 -27.66
N LEU A 22 13.23 17.79 -26.81
CA LEU A 22 12.74 17.69 -25.44
C LEU A 22 11.33 18.25 -25.36
N HIS A 23 10.45 17.53 -24.70
CA HIS A 23 9.11 18.03 -24.41
C HIS A 23 9.14 18.79 -23.10
N TYR A 24 8.37 19.87 -23.02
CA TYR A 24 8.25 20.58 -21.75
C TYR A 24 6.89 21.26 -21.69
N VAL A 25 6.50 21.63 -20.47
CA VAL A 25 5.28 22.40 -20.21
C VAL A 25 5.73 23.68 -19.53
N LYS A 26 5.19 24.82 -19.97
CA LYS A 26 5.71 26.10 -19.53
C LYS A 26 4.58 27.07 -19.28
N GLY A 27 4.74 27.90 -18.24
CA GLY A 27 3.73 28.91 -17.93
C GLY A 27 4.27 29.89 -16.92
N GLY A 28 3.53 30.99 -16.78
CA GLY A 28 3.85 32.00 -15.80
C GLY A 28 4.77 33.08 -16.32
N GLN A 29 5.22 33.90 -15.37
CA GLN A 29 5.97 35.12 -15.66
C GLN A 29 6.96 35.37 -14.53
N GLY A 30 8.11 35.93 -14.88
CA GLY A 30 9.14 36.25 -13.91
C GLY A 30 10.37 35.38 -14.07
N PRO A 31 11.21 35.34 -13.02
CA PRO A 31 12.40 34.48 -13.06
C PRO A 31 12.02 33.02 -13.31
N LEU A 32 12.95 32.28 -13.90
CA LEU A 32 12.68 30.92 -14.34
C LEU A 32 12.89 29.91 -13.22
N VAL A 33 11.99 28.95 -13.11
CA VAL A 33 12.17 27.77 -12.27
C VAL A 33 11.98 26.55 -13.15
N MET A 34 12.94 25.63 -13.10
CA MET A 34 12.84 24.38 -13.83
C MET A 34 12.61 23.24 -12.84
N LEU A 35 11.60 22.42 -13.13
CA LEU A 35 11.18 21.31 -12.28
C LEU A 35 11.47 20.02 -13.02
N VAL A 36 12.21 19.12 -12.40
CA VAL A 36 12.70 17.94 -13.11
C VAL A 36 12.23 16.71 -12.37
N HIS A 37 11.38 15.92 -13.03
CA HIS A 37 10.73 14.75 -12.47
C HIS A 37 11.72 13.59 -12.36
N GLY A 38 11.23 12.47 -11.82
CA GLY A 38 12.06 11.29 -11.66
C GLY A 38 11.49 10.03 -12.29
N PHE A 39 12.02 8.88 -11.87
CA PHE A 39 11.65 7.59 -12.46
C PHE A 39 10.17 7.27 -12.24
N GLY A 40 9.56 6.66 -13.26
CA GLY A 40 8.17 6.25 -13.22
C GLY A 40 7.18 7.35 -13.54
N GLN A 41 7.61 8.60 -13.61
CA GLN A 41 6.69 9.70 -13.86
C GLN A 41 7.20 10.60 -14.99
N THR A 42 6.58 11.78 -15.11
CA THR A 42 6.84 12.74 -16.17
C THR A 42 6.70 14.13 -15.58
N TRP A 43 6.75 15.16 -16.43
CA TRP A 43 6.47 16.53 -15.99
C TRP A 43 5.22 16.59 -15.11
N TYR A 44 4.25 15.69 -15.35
CA TYR A 44 2.94 15.77 -14.70
C TYR A 44 3.01 15.68 -13.19
N GLU A 45 4.08 15.12 -12.60
CA GLU A 45 4.07 15.05 -11.14
C GLU A 45 4.02 16.44 -10.51
N TRP A 46 4.45 17.45 -11.25
CA TRP A 46 4.49 18.84 -10.80
C TRP A 46 3.21 19.60 -11.09
N HIS A 47 2.17 18.93 -11.63
CA HIS A 47 1.07 19.70 -12.20
C HIS A 47 0.25 20.46 -11.14
N GLN A 48 0.33 20.04 -9.88
CA GLN A 48 -0.35 20.78 -8.81
C GLN A 48 0.50 21.92 -8.28
N LEU A 49 1.83 21.76 -8.30
CA LEU A 49 2.73 22.84 -7.87
C LEU A 49 2.82 23.96 -8.93
N MET A 50 2.71 23.61 -10.22
CA MET A 50 3.01 24.58 -11.27
C MET A 50 2.10 25.81 -11.27
N PRO A 51 0.77 25.70 -11.20
CA PRO A 51 -0.05 26.93 -11.24
C PRO A 51 0.26 27.89 -10.11
N GLU A 52 0.66 27.36 -8.95
CA GLU A 52 0.98 28.24 -7.82
CA GLU A 52 0.99 28.22 -7.80
C GLU A 52 2.31 28.93 -8.02
N LEU A 53 3.34 28.19 -8.46
CA LEU A 53 4.63 28.80 -8.78
C LEU A 53 4.50 29.83 -9.90
N ALA A 54 3.66 29.55 -10.89
CA ALA A 54 3.53 30.42 -12.04
C ALA A 54 2.96 31.79 -11.70
N LYS A 55 2.38 31.95 -10.51
CA LYS A 55 1.95 33.28 -10.07
C LYS A 55 3.14 34.19 -9.80
N ARG A 56 4.32 33.62 -9.57
CA ARG A 56 5.52 34.39 -9.25
C ARG A 56 6.70 34.10 -10.17
N PHE A 57 6.71 33.00 -10.91
CA PHE A 57 7.84 32.59 -11.72
C PHE A 57 7.38 32.18 -13.10
N THR A 58 8.31 32.23 -14.06
CA THR A 58 8.20 31.40 -15.25
C THR A 58 8.60 29.97 -14.86
N VAL A 59 7.74 29.00 -15.17
CA VAL A 59 7.91 27.63 -14.72
C VAL A 59 8.04 26.74 -15.97
N ILE A 60 9.10 25.95 -16.03
N ILE A 60 9.10 25.96 -16.04
CA ILE A 60 9.26 24.96 -17.10
CA ILE A 60 9.26 24.96 -17.10
C ILE A 60 9.48 23.59 -16.48
C ILE A 60 9.45 23.59 -16.46
N ALA A 61 8.73 22.61 -16.97
CA ALA A 61 8.79 21.24 -16.46
C ALA A 61 9.05 20.36 -17.66
N PRO A 62 10.30 19.99 -17.91
CA PRO A 62 10.61 19.13 -19.06
C PRO A 62 10.43 17.66 -18.73
N ASP A 63 10.22 16.89 -19.78
CA ASP A 63 10.35 15.44 -19.70
C ASP A 63 11.81 15.03 -19.88
N LEU A 64 12.32 14.21 -18.96
CA LEU A 64 13.67 13.69 -19.08
C LEU A 64 13.86 12.97 -20.41
N PRO A 65 15.07 13.04 -21.00
CA PRO A 65 15.30 12.39 -22.29
C PRO A 65 14.87 10.94 -22.29
N GLY A 66 14.08 10.55 -23.30
CA GLY A 66 13.54 9.22 -23.40
C GLY A 66 12.23 8.99 -22.68
N LEU A 67 11.91 9.81 -21.68
CA LEU A 67 10.71 9.66 -20.88
C LEU A 67 9.66 10.68 -21.28
N GLY A 68 8.43 10.42 -20.87
CA GLY A 68 7.33 11.29 -21.29
C GLY A 68 7.32 11.41 -22.79
N GLN A 69 7.32 12.65 -23.27
CA GLN A 69 7.29 12.91 -24.71
C GLN A 69 8.65 13.39 -25.24
N SER A 70 9.73 13.27 -24.47
CA SER A 70 11.04 13.68 -24.94
C SER A 70 11.78 12.55 -25.64
N GLU A 71 12.55 12.91 -26.66
CA GLU A 71 13.37 11.92 -27.34
C GLU A 71 14.49 11.42 -26.43
N PRO A 72 14.97 10.19 -26.66
CA PRO A 72 16.12 9.68 -25.91
C PRO A 72 17.36 10.52 -26.16
N PRO A 73 18.30 10.52 -25.24
CA PRO A 73 19.54 11.29 -25.45
C PRO A 73 20.39 10.66 -26.55
N LYS A 74 21.16 11.50 -27.23
CA LYS A 74 22.10 10.98 -28.23
C LYS A 74 23.47 10.69 -27.65
N THR A 75 23.86 11.35 -26.56
CA THR A 75 25.18 11.10 -26.00
C THR A 75 25.16 9.88 -25.09
N GLY A 76 24.33 9.92 -24.05
CA GLY A 76 24.26 8.83 -23.11
C GLY A 76 23.37 9.20 -21.94
N TYR A 77 23.27 8.28 -20.99
CA TYR A 77 22.35 8.45 -19.88
C TYR A 77 23.05 8.79 -18.56
N SER A 78 24.36 9.00 -18.57
CA SER A 78 25.02 9.37 -17.34
C SER A 78 24.60 10.76 -16.90
N GLY A 79 24.74 11.04 -15.61
CA GLY A 79 24.25 12.32 -15.09
C GLY A 79 24.87 13.51 -15.79
N GLU A 80 26.17 13.43 -16.11
CA GLU A 80 26.84 14.56 -16.73
C GLU A 80 26.39 14.75 -18.17
N GLN A 81 26.08 13.65 -18.85
CA GLN A 81 25.59 13.75 -20.22
C GLN A 81 24.19 14.35 -20.26
N VAL A 82 23.28 13.85 -19.42
CA VAL A 82 21.91 14.31 -19.47
C VAL A 82 21.80 15.74 -18.97
N ALA A 83 22.62 16.12 -17.99
CA ALA A 83 22.59 17.47 -17.45
C ALA A 83 22.90 18.52 -18.50
N VAL A 84 23.68 18.17 -19.52
CA VAL A 84 23.94 19.13 -20.60
C VAL A 84 22.64 19.54 -21.27
N TYR A 85 21.79 18.56 -21.61
CA TYR A 85 20.52 18.85 -22.24
C TYR A 85 19.66 19.76 -21.37
N LEU A 86 19.57 19.46 -20.08
CA LEU A 86 18.69 20.22 -19.20
C LEU A 86 19.24 21.63 -18.96
N HIS A 87 20.55 21.77 -18.85
CA HIS A 87 21.14 23.10 -18.67
C HIS A 87 20.94 23.96 -19.91
N LYS A 88 21.15 23.39 -21.10
CA LYS A 88 20.96 24.17 -22.31
C LYS A 88 19.50 24.57 -22.49
N LEU A 89 18.57 23.65 -22.19
CA LEU A 89 17.15 23.99 -22.31
C LEU A 89 16.80 25.18 -21.41
N ALA A 90 17.17 25.09 -20.13
CA ALA A 90 16.92 26.19 -19.19
C ALA A 90 17.51 27.49 -19.72
N ARG A 91 18.76 27.44 -20.18
CA ARG A 91 19.44 28.65 -20.62
C ARG A 91 18.87 29.21 -21.93
N GLN A 92 18.11 28.42 -22.69
CA GLN A 92 17.35 29.00 -23.80
C GLN A 92 16.32 30.01 -23.29
N PHE A 93 15.71 29.74 -22.14
CA PHE A 93 14.68 30.61 -21.61
C PHE A 93 15.18 31.58 -20.56
N SER A 94 16.37 31.36 -20.01
CA SER A 94 16.98 32.29 -19.07
C SER A 94 18.46 32.46 -19.45
N PRO A 95 18.74 33.07 -20.60
CA PRO A 95 20.13 33.14 -21.05
C PRO A 95 20.98 34.15 -20.30
N ASP A 96 20.35 35.12 -19.64
CA ASP A 96 21.05 36.25 -19.04
C ASP A 96 20.79 36.38 -17.55
N ARG A 97 20.08 35.44 -16.93
CA ARG A 97 19.87 35.48 -15.49
C ARG A 97 19.93 34.07 -14.91
N PRO A 98 20.38 33.93 -13.67
CA PRO A 98 20.30 32.61 -13.02
C PRO A 98 18.86 32.16 -12.88
N PHE A 99 18.68 30.83 -12.86
CA PHE A 99 17.36 30.24 -12.70
C PHE A 99 17.36 29.32 -11.49
N ASP A 100 16.16 28.96 -11.02
CA ASP A 100 15.99 28.03 -9.92
C ASP A 100 15.74 26.62 -10.43
N LEU A 101 16.03 25.65 -9.56
CA LEU A 101 15.92 24.25 -9.94
C LEU A 101 15.31 23.45 -8.80
N VAL A 102 14.33 22.63 -9.15
CA VAL A 102 13.70 21.66 -8.27
C VAL A 102 13.78 20.33 -8.98
N ALA A 103 14.19 19.28 -8.27
CA ALA A 103 14.39 17.98 -8.88
C ALA A 103 14.04 16.87 -7.90
N HIS A 104 13.50 15.78 -8.43
CA HIS A 104 12.96 14.68 -7.64
C HIS A 104 13.56 13.38 -8.17
N ASP A 105 14.03 12.52 -7.26
CA ASP A 105 14.46 11.16 -7.64
C ASP A 105 15.57 11.31 -8.69
N ILE A 106 15.52 10.63 -9.84
CA ILE A 106 16.67 10.70 -10.74
C ILE A 106 16.80 12.05 -11.44
N GLY A 107 15.83 12.95 -11.28
CA GLY A 107 16.06 14.32 -11.68
C GLY A 107 17.25 14.95 -10.96
N ILE A 108 17.55 14.47 -9.76
CA ILE A 108 18.76 14.90 -9.05
C ILE A 108 20.00 14.41 -9.79
N TRP A 109 20.04 13.11 -10.10
CA TRP A 109 21.16 12.55 -10.85
C TRP A 109 21.43 13.36 -12.11
N ASN A 110 20.37 13.76 -12.79
CA ASN A 110 20.46 14.36 -14.09
C ASN A 110 20.66 15.86 -14.05
N THR A 111 20.79 16.46 -12.86
CA THR A 111 20.99 17.91 -12.76
C THR A 111 22.21 18.26 -11.95
N TYR A 112 22.58 17.44 -10.98
CA TYR A 112 23.70 17.78 -10.12
C TYR A 112 24.96 18.17 -10.89
N PRO A 113 25.38 17.49 -11.98
CA PRO A 113 26.60 17.95 -12.66
C PRO A 113 26.48 19.35 -13.27
N MET A 114 25.34 19.70 -13.87
CA MET A 114 25.27 21.04 -14.44
C MET A 114 25.14 22.10 -13.35
N VAL A 115 24.66 21.73 -12.16
CA VAL A 115 24.64 22.67 -11.05
C VAL A 115 26.06 23.00 -10.61
N VAL A 116 26.88 21.97 -10.40
CA VAL A 116 28.20 22.18 -9.85
C VAL A 116 29.15 22.75 -10.90
N LYS A 117 28.92 22.46 -12.17
CA LYS A 117 29.76 23.01 -13.23
C LYS A 117 29.33 24.39 -13.71
N ASN A 118 28.14 24.85 -13.33
CA ASN A 118 27.63 26.17 -13.72
C ASN A 118 26.96 26.85 -12.53
N GLN A 119 27.67 26.95 -11.40
CA GLN A 119 27.06 27.42 -10.17
C GLN A 119 26.47 28.82 -10.30
N ALA A 120 27.04 29.67 -11.16
CA ALA A 120 26.50 31.02 -11.31
C ALA A 120 25.13 31.02 -12.01
N ASP A 121 24.76 29.94 -12.70
CA ASP A 121 23.48 29.86 -13.39
C ASP A 121 22.32 29.40 -12.50
N ILE A 122 22.60 28.95 -11.28
CA ILE A 122 21.59 28.38 -10.39
C ILE A 122 21.41 29.33 -9.21
N ALA A 123 20.25 29.98 -9.12
CA ALA A 123 20.00 30.90 -8.02
C ALA A 123 19.70 30.14 -6.73
N ARG A 124 18.74 29.22 -6.77
CA ARG A 124 18.35 28.41 -5.61
C ARG A 124 18.05 27.01 -6.10
N LEU A 125 18.18 26.04 -5.19
CA LEU A 125 18.14 24.62 -5.53
C LEU A 125 17.29 23.87 -4.51
N VAL A 126 16.39 23.00 -4.99
CA VAL A 126 15.59 22.14 -4.14
C VAL A 126 15.70 20.72 -4.65
N TYR A 127 16.18 19.82 -3.80
CA TYR A 127 16.34 18.42 -4.15
C TYR A 127 15.49 17.55 -3.22
N MET A 128 14.80 16.56 -3.78
CA MET A 128 13.97 15.71 -2.94
C MET A 128 14.06 14.25 -3.37
N GLN A 129 14.21 13.37 -2.38
CA GLN A 129 14.02 11.92 -2.51
C GLN A 129 14.93 11.30 -3.57
N ALA A 130 16.23 11.51 -3.41
CA ALA A 130 17.21 10.66 -4.07
C ALA A 130 18.60 10.94 -3.54
N PRO A 131 19.45 9.93 -3.42
CA PRO A 131 20.88 10.21 -3.18
C PRO A 131 21.52 10.85 -4.40
N ILE A 132 22.40 11.82 -4.15
CA ILE A 132 23.35 12.16 -5.21
C ILE A 132 24.23 10.94 -5.47
N PRO A 133 24.43 10.52 -6.72
CA PRO A 133 25.23 9.30 -6.96
C PRO A 133 26.65 9.46 -6.46
N ASP A 134 27.01 8.61 -5.50
CA ASP A 134 28.38 8.53 -4.97
C ASP A 134 28.54 7.20 -4.26
N ALA A 135 29.69 7.00 -3.60
CA ALA A 135 30.04 5.69 -3.08
C ALA A 135 29.11 5.24 -1.96
N ARG A 136 28.37 6.17 -1.34
CA ARG A 136 27.43 5.79 -0.28
CA ARG A 136 27.43 5.78 -0.28
C ARG A 136 26.42 4.77 -0.77
N ILE A 137 26.05 4.84 -2.05
CA ILE A 137 24.99 3.96 -2.56
C ILE A 137 25.45 2.50 -2.59
N TYR A 138 26.76 2.24 -2.52
CA TYR A 138 27.28 0.89 -2.50
C TYR A 138 27.15 0.22 -1.13
N ARG A 139 26.62 0.92 -0.15
CA ARG A 139 26.41 0.34 1.18
C ARG A 139 24.95 0.15 1.54
N PHE A 140 24.03 0.72 0.76
CA PHE A 140 22.61 0.54 1.05
C PHE A 140 22.25 -0.95 1.03
N PRO A 141 21.56 -1.45 2.05
CA PRO A 141 21.28 -2.89 2.10
C PRO A 141 20.28 -3.36 1.06
N ALA A 142 20.52 -4.57 0.55
CA ALA A 142 19.62 -5.24 -0.38
C ALA A 142 18.32 -5.70 0.27
N PHE A 143 18.34 -5.98 1.57
CA PHE A 143 17.22 -6.66 2.22
C PHE A 143 17.12 -6.17 3.66
N THR A 144 15.91 -5.86 4.10
CA THR A 144 15.71 -5.28 5.43
C THR A 144 14.88 -6.21 6.31
N ALA A 145 15.05 -6.02 7.62
CA ALA A 145 14.29 -6.81 8.59
C ALA A 145 12.82 -6.43 8.58
N GLN A 146 12.52 -5.19 8.20
CA GLN A 146 11.20 -4.62 8.31
C GLN A 146 11.00 -3.66 7.14
N GLY A 147 9.80 -3.64 6.59
CA GLY A 147 9.65 -2.86 5.38
C GLY A 147 10.28 -3.59 4.21
N GLU A 148 10.81 -2.82 3.27
CA GLU A 148 11.48 -3.40 2.11
C GLU A 148 12.65 -2.51 1.73
N SER A 149 13.70 -3.11 1.18
CA SER A 149 14.80 -2.31 0.68
C SER A 149 14.28 -1.30 -0.33
N LEU A 150 14.63 -0.05 -0.13
CA LEU A 150 14.22 0.98 -1.07
C LEU A 150 15.08 0.99 -2.33
N VAL A 151 16.17 0.22 -2.36
CA VAL A 151 17.19 0.41 -3.37
C VAL A 151 17.50 -0.85 -4.17
N TRP A 152 16.80 -1.95 -3.93
CA TRP A 152 17.09 -3.15 -4.71
C TRP A 152 16.76 -2.95 -6.18
N HIS A 153 15.85 -2.03 -6.48
CA HIS A 153 15.55 -1.75 -7.89
C HIS A 153 16.79 -1.27 -8.64
N PHE A 154 17.77 -0.67 -7.95
CA PHE A 154 19.02 -0.27 -8.61
C PHE A 154 19.61 -1.42 -9.40
N SER A 155 19.72 -2.59 -8.76
CA SER A 155 20.36 -3.72 -9.44
C SER A 155 19.44 -4.34 -10.48
N PHE A 156 18.15 -4.40 -10.17
CA PHE A 156 17.17 -4.90 -11.13
C PHE A 156 17.23 -4.10 -12.43
N PHE A 157 17.20 -2.77 -12.30
CA PHE A 157 17.17 -1.92 -13.48
C PHE A 157 18.51 -1.91 -14.19
N ALA A 158 19.61 -2.10 -13.46
CA ALA A 158 20.94 -2.10 -14.04
C ALA A 158 21.37 -3.46 -14.58
N ALA A 159 20.63 -4.52 -14.27
CA ALA A 159 21.04 -5.85 -14.71
C ALA A 159 21.14 -5.89 -16.23
N ASP A 160 22.11 -6.66 -16.72
CA ASP A 160 22.38 -6.65 -18.15
C ASP A 160 21.42 -7.61 -18.86
N ASP A 161 21.64 -7.78 -20.16
CA ASP A 161 20.79 -8.60 -21.03
C ASP A 161 19.34 -8.10 -21.05
N ARG A 162 19.14 -6.80 -20.81
CA ARG A 162 17.81 -6.19 -20.85
C ARG A 162 16.83 -6.95 -19.96
N LEU A 163 17.32 -7.41 -18.82
CA LEU A 163 16.50 -8.20 -17.91
C LEU A 163 15.19 -7.49 -17.56
N ALA A 164 15.26 -6.22 -17.16
CA ALA A 164 14.05 -5.55 -16.67
C ALA A 164 13.03 -5.31 -17.80
N GLU A 165 13.49 -4.84 -18.96
CA GLU A 165 12.57 -4.64 -20.08
C GLU A 165 11.94 -5.96 -20.49
N THR A 166 12.71 -7.05 -20.48
CA THR A 166 12.16 -8.32 -20.92
C THR A 166 11.07 -8.80 -19.97
N LEU A 167 11.27 -8.65 -18.66
CA LEU A 167 10.27 -9.13 -17.72
C LEU A 167 9.07 -8.20 -17.61
N ILE A 168 9.27 -6.89 -17.80
CA ILE A 168 8.20 -5.93 -17.52
C ILE A 168 7.34 -5.61 -18.76
N ALA A 169 7.89 -5.76 -19.97
CA ALA A 169 7.12 -5.47 -21.17
C ALA A 169 5.80 -6.24 -21.16
N GLY A 170 4.70 -5.54 -21.46
CA GLY A 170 3.39 -6.14 -21.36
C GLY A 170 2.79 -6.14 -19.96
N LYS A 171 3.57 -5.80 -18.94
CA LYS A 171 3.11 -5.79 -17.55
C LYS A 171 3.49 -4.47 -16.88
N GLU A 172 3.60 -3.42 -17.69
CA GLU A 172 4.06 -2.12 -17.20
C GLU A 172 3.09 -1.53 -16.20
N ARG A 173 1.79 -1.68 -16.44
CA ARG A 173 0.81 -1.08 -15.55
C ARG A 173 0.77 -1.78 -14.20
N PHE A 174 0.87 -3.10 -14.20
CA PHE A 174 1.00 -3.85 -12.95
C PHE A 174 2.27 -3.45 -12.19
N PHE A 175 3.39 -3.37 -12.90
CA PHE A 175 4.66 -3.11 -12.22
C PHE A 175 4.69 -1.69 -11.65
N LEU A 176 4.15 -0.73 -12.40
CA LEU A 176 4.14 0.65 -11.93
C LEU A 176 3.28 0.83 -10.69
N GLU A 177 2.09 0.22 -10.66
CA GLU A 177 1.31 0.28 -9.43
C GLU A 177 2.10 -0.31 -8.26
N HIS A 178 2.82 -1.41 -8.50
CA HIS A 178 3.53 -2.05 -7.39
C HIS A 178 4.65 -1.17 -6.86
N PHE A 179 5.51 -0.64 -7.74
CA PHE A 179 6.67 0.07 -7.20
C PHE A 179 6.29 1.46 -6.71
N ILE A 180 5.26 2.09 -7.27
CA ILE A 180 4.81 3.36 -6.69
C ILE A 180 4.26 3.11 -5.29
N LYS A 181 3.33 2.18 -5.16
CA LYS A 181 2.70 1.96 -3.85
C LYS A 181 3.70 1.41 -2.83
N SER A 182 4.63 0.54 -3.26
CA SER A 182 5.59 0.02 -2.28
C SER A 182 6.55 1.10 -1.79
N HIS A 183 6.71 2.19 -2.54
CA HIS A 183 7.54 3.32 -2.13
C HIS A 183 6.70 4.47 -1.55
N ALA A 184 5.44 4.21 -1.18
CA ALA A 184 4.52 5.23 -0.71
C ALA A 184 4.11 4.99 0.72
N SER A 185 3.83 6.09 1.43
CA SER A 185 3.13 6.02 2.71
C SER A 185 1.64 6.29 2.57
N ASN A 186 1.29 7.31 1.78
CA ASN A 186 -0.10 7.65 1.51
C ASN A 186 -0.48 7.11 0.15
N THR A 187 -0.73 5.79 0.12
CA THR A 187 -1.01 5.10 -1.13
C THR A 187 -2.34 5.49 -1.76
N GLU A 188 -3.29 6.02 -0.97
CA GLU A 188 -4.63 6.29 -1.48
C GLU A 188 -4.65 7.37 -2.56
N VAL A 189 -3.61 8.19 -2.70
CA VAL A 189 -3.62 9.21 -3.75
C VAL A 189 -3.37 8.60 -5.12
N PHE A 190 -2.85 7.37 -5.19
CA PHE A 190 -2.60 6.75 -6.48
C PHE A 190 -3.82 5.95 -6.94
N SER A 191 -4.81 6.69 -7.41
CA SER A 191 -6.01 6.13 -8.01
C SER A 191 -5.67 5.36 -9.27
N GLU A 192 -6.54 4.40 -9.62
CA GLU A 192 -6.30 3.65 -10.85
C GLU A 192 -6.19 4.58 -12.06
N ARG A 193 -6.96 5.68 -12.05
CA ARG A 193 -6.93 6.63 -13.16
C ARG A 193 -5.57 7.28 -13.29
N LEU A 194 -4.97 7.67 -12.17
CA LEU A 194 -3.67 8.31 -12.22
C LEU A 194 -2.58 7.29 -12.61
N LEU A 195 -2.68 6.07 -12.07
CA LEU A 195 -1.70 5.05 -12.43
C LEU A 195 -1.79 4.71 -13.92
N ASP A 196 -3.01 4.70 -14.46
CA ASP A 196 -3.20 4.47 -15.89
C ASP A 196 -2.43 5.49 -16.73
N LEU A 197 -2.48 6.76 -16.32
CA LEU A 197 -1.79 7.82 -17.07
C LEU A 197 -0.28 7.60 -17.05
N TYR A 198 0.29 7.39 -15.87
CA TYR A 198 1.73 7.19 -15.79
C TYR A 198 2.17 5.93 -16.52
N ALA A 199 1.37 4.86 -16.45
CA ALA A 199 1.78 3.60 -17.08
C ALA A 199 1.71 3.67 -18.60
N ARG A 200 0.70 4.35 -19.16
CA ARG A 200 0.63 4.51 -20.61
C ARG A 200 1.88 5.16 -21.16
N SER A 201 2.46 6.09 -20.40
CA SER A 201 3.61 6.83 -20.89
C SER A 201 4.88 5.99 -20.85
N TYR A 202 5.16 5.34 -19.72
CA TYR A 202 6.44 4.64 -19.67
C TYR A 202 6.38 3.27 -20.31
N ALA A 203 5.19 2.83 -20.75
CA ALA A 203 5.08 1.61 -21.55
C ALA A 203 5.53 1.79 -23.00
N LYS A 204 5.72 3.02 -23.47
CA LYS A 204 6.35 3.19 -24.78
C LYS A 204 7.69 2.46 -24.76
N PRO A 205 7.95 1.57 -25.71
CA PRO A 205 9.19 0.76 -25.64
C PRO A 205 10.46 1.58 -25.44
N HIS A 206 10.62 2.71 -26.14
CA HIS A 206 11.81 3.51 -25.92
C HIS A 206 11.80 4.21 -24.55
N SER A 207 10.63 4.44 -23.96
CA SER A 207 10.59 5.03 -22.62
C SER A 207 10.88 3.98 -21.56
N LEU A 208 10.35 2.77 -21.74
CA LEU A 208 10.67 1.71 -20.80
C LEU A 208 12.18 1.44 -20.81
N ASN A 209 12.79 1.41 -21.99
CA ASN A 209 14.23 1.21 -22.05
C ASN A 209 14.98 2.41 -21.49
N ALA A 210 14.56 3.63 -21.84
CA ALA A 210 15.24 4.80 -21.30
C ALA A 210 15.25 4.78 -19.78
N SER A 211 14.12 4.41 -19.17
CA SER A 211 14.01 4.38 -17.71
C SER A 211 15.17 3.59 -17.10
N PHE A 212 15.45 2.42 -17.66
CA PHE A 212 16.47 1.55 -17.08
C PHE A 212 17.87 1.99 -17.46
N GLU A 213 18.05 2.68 -18.61
CA GLU A 213 19.38 3.10 -19.01
C GLU A 213 19.97 4.10 -18.02
N TYR A 214 19.12 4.88 -17.34
CA TYR A 214 19.62 5.78 -16.30
C TYR A 214 20.33 5.01 -15.19
N TYR A 215 19.84 3.81 -14.89
CA TYR A 215 20.44 2.98 -13.85
C TYR A 215 21.65 2.21 -14.36
N ARG A 216 21.65 1.84 -15.63
CA ARG A 216 22.82 1.21 -16.24
C ARG A 216 23.99 2.18 -16.34
N ALA A 217 23.74 3.48 -16.24
CA ALA A 217 24.78 4.49 -16.23
C ALA A 217 25.09 4.99 -14.82
N LEU A 218 24.46 4.41 -13.79
CA LEU A 218 24.63 4.92 -12.44
C LEU A 218 26.09 4.85 -11.99
N ASN A 219 26.77 3.71 -12.26
CA ASN A 219 28.18 3.61 -11.87
C ASN A 219 29.03 4.66 -12.56
N GLU A 220 28.76 4.93 -13.83
CA GLU A 220 29.47 6.02 -14.51
C GLU A 220 29.20 7.36 -13.85
N SER A 221 27.94 7.61 -13.47
CA SER A 221 27.60 8.87 -12.81
C SER A 221 28.32 9.00 -11.47
N VAL A 222 28.48 7.88 -10.75
CA VAL A 222 29.24 7.91 -9.50
C VAL A 222 30.69 8.29 -9.77
N ARG A 223 31.30 7.70 -10.81
CA ARG A 223 32.67 8.08 -11.16
C ARG A 223 32.77 9.54 -11.57
N GLN A 224 31.79 10.03 -12.35
CA GLN A 224 31.78 11.45 -12.71
C GLN A 224 31.70 12.34 -11.48
N ASN A 225 30.83 11.98 -10.52
CA ASN A 225 30.59 12.84 -9.38
C ASN A 225 31.74 12.85 -8.38
N ALA A 226 32.56 11.79 -8.38
CA ALA A 226 33.74 11.77 -7.51
C ALA A 226 34.68 12.95 -7.83
N GLU A 227 34.82 13.29 -9.11
CA GLU A 227 35.64 14.44 -9.48
C GLU A 227 34.89 15.76 -9.29
N LEU A 228 33.63 15.81 -9.71
CA LEU A 228 32.87 17.05 -9.63
C LEU A 228 32.70 17.50 -8.19
N ALA A 229 32.52 16.56 -7.25
CA ALA A 229 32.21 16.91 -5.87
C ALA A 229 33.39 17.53 -5.14
N LYS A 230 34.54 17.67 -5.79
CA LYS A 230 35.65 18.39 -5.18
C LYS A 230 35.33 19.87 -4.95
N THR A 231 34.25 20.38 -5.53
CA THR A 231 33.76 21.74 -5.30
C THR A 231 32.37 21.68 -4.69
N ARG A 232 32.21 22.28 -3.51
CA ARG A 232 30.91 22.32 -2.85
C ARG A 232 29.98 23.33 -3.52
N LEU A 233 28.69 23.05 -3.43
CA LEU A 233 27.67 23.98 -3.91
C LEU A 233 27.60 25.20 -3.01
N GLN A 234 27.48 26.38 -3.63
CA GLN A 234 27.51 27.64 -2.92
C GLN A 234 26.16 28.34 -2.82
N MET A 235 25.18 27.97 -3.64
CA MET A 235 23.89 28.64 -3.66
C MET A 235 22.98 28.08 -2.57
N PRO A 236 21.95 28.83 -2.16
CA PRO A 236 21.01 28.31 -1.16
C PRO A 236 20.30 27.08 -1.69
N THR A 237 20.27 26.04 -0.85
CA THR A 237 19.65 24.77 -1.21
CA THR A 237 19.71 24.73 -1.18
C THR A 237 18.73 24.31 -0.09
N MET A 238 17.68 23.58 -0.48
CA MET A 238 16.74 22.97 0.45
C MET A 238 16.54 21.51 0.05
N THR A 239 16.57 20.60 1.01
CA THR A 239 16.23 19.20 0.72
C THR A 239 14.90 18.87 1.38
N LEU A 240 14.12 18.04 0.69
CA LEU A 240 12.90 17.47 1.22
C LEU A 240 13.00 15.96 1.14
N ALA A 241 12.46 15.28 2.15
CA ALA A 241 12.41 13.82 2.13
C ALA A 241 11.18 13.39 2.92
N GLY A 242 10.58 12.28 2.52
CA GLY A 242 9.49 11.73 3.29
C GLY A 242 9.98 11.07 4.56
N GLY A 243 9.13 11.10 5.61
CA GLY A 243 9.42 10.47 6.88
C GLY A 243 8.74 9.12 7.04
N GLY A 244 7.79 8.81 6.16
CA GLY A 244 7.06 7.56 6.23
C GLY A 244 7.63 6.47 5.33
N HIS A 245 6.83 5.43 5.12
CA HIS A 245 7.24 4.30 4.28
C HIS A 245 7.65 4.80 2.89
N GLY A 246 8.86 4.44 2.45
CA GLY A 246 9.38 4.89 1.17
C GLY A 246 10.21 6.16 1.22
N GLY A 247 10.19 6.88 2.32
CA GLY A 247 10.94 8.12 2.43
C GLY A 247 12.38 7.90 2.83
N MET A 248 13.23 8.85 2.48
CA MET A 248 14.65 8.74 2.80
C MET A 248 15.01 9.28 4.18
N GLY A 249 14.07 9.90 4.88
CA GLY A 249 14.35 10.33 6.25
C GLY A 249 15.51 11.30 6.30
N THR A 250 16.35 11.17 7.33
CA THR A 250 17.44 12.12 7.52
C THR A 250 18.57 11.98 6.51
N PHE A 251 18.60 10.91 5.70
CA PHE A 251 19.73 10.71 4.79
C PHE A 251 19.82 11.85 3.78
N GLN A 252 18.68 12.34 3.30
CA GLN A 252 18.70 13.36 2.26
C GLN A 252 19.52 14.57 2.72
N LEU A 253 19.17 15.12 3.89
CA LEU A 253 19.92 16.28 4.40
C LEU A 253 21.35 15.92 4.75
N GLU A 254 21.57 14.77 5.40
CA GLU A 254 22.91 14.46 5.87
C GLU A 254 23.89 14.26 4.72
N GLN A 255 23.45 13.69 3.60
CA GLN A 255 24.33 13.63 2.43
C GLN A 255 24.52 15.01 1.80
N MET A 256 23.45 15.79 1.73
CA MET A 256 23.55 17.09 1.07
C MET A 256 24.52 18.02 1.80
N LYS A 257 24.63 17.91 3.12
CA LYS A 257 25.60 18.73 3.84
C LYS A 257 27.02 18.47 3.36
N ALA A 258 27.30 17.26 2.89
CA ALA A 258 28.64 17.02 2.35
C ALA A 258 28.86 17.67 0.99
N TYR A 259 27.78 18.12 0.33
CA TYR A 259 27.86 18.71 -0.99
C TYR A 259 27.61 20.22 -1.02
N ALA A 260 26.96 20.80 -0.01
CA ALA A 260 26.52 22.19 -0.08
C ALA A 260 26.87 22.94 1.19
N GLU A 261 27.32 24.20 1.04
CA GLU A 261 27.65 25.03 2.19
C GLU A 261 26.41 25.59 2.87
N ASP A 262 25.33 25.79 2.11
CA ASP A 262 24.13 26.49 2.56
C ASP A 262 22.93 25.59 2.31
N VAL A 263 22.52 24.79 3.29
CA VAL A 263 21.46 23.81 3.08
C VAL A 263 20.55 23.74 4.30
N GLU A 264 19.25 23.71 4.05
CA GLU A 264 18.28 23.35 5.08
C GLU A 264 17.45 22.20 4.56
N GLY A 265 17.02 21.33 5.47
CA GLY A 265 16.30 20.13 5.08
C GLY A 265 15.04 19.94 5.89
N HIS A 266 14.07 19.28 5.27
CA HIS A 266 12.82 18.95 5.93
C HIS A 266 12.49 17.48 5.71
N VAL A 267 12.03 16.83 6.76
CA VAL A 267 11.49 15.48 6.68
C VAL A 267 9.98 15.60 6.91
N LEU A 268 9.20 15.13 5.94
CA LEU A 268 7.76 15.31 6.00
C LEU A 268 7.13 14.06 6.59
N PRO A 269 6.50 14.12 7.76
CA PRO A 269 5.97 12.90 8.37
C PRO A 269 4.76 12.37 7.61
N GLY A 270 4.59 11.04 7.66
CA GLY A 270 3.48 10.41 6.99
C GLY A 270 3.51 10.49 5.48
N CYS A 271 4.69 10.75 4.89
CA CYS A 271 4.88 10.91 3.46
C CYS A 271 6.01 10.00 3.01
N GLY A 272 5.82 9.33 1.89
CA GLY A 272 6.84 8.42 1.41
C GLY A 272 7.73 9.03 0.35
N HIS A 273 7.83 8.35 -0.79
CA HIS A 273 8.73 8.83 -1.83
C HIS A 273 8.11 9.93 -2.70
N TRP A 274 6.79 9.88 -2.92
CA TRP A 274 6.14 10.66 -3.98
C TRP A 274 5.58 11.96 -3.40
N LEU A 275 6.48 12.82 -2.92
CA LEU A 275 6.05 13.98 -2.15
C LEU A 275 5.03 14.89 -2.85
N PRO A 276 5.15 15.20 -4.15
CA PRO A 276 4.16 16.11 -4.76
C PRO A 276 2.73 15.58 -4.72
N GLU A 277 2.56 14.27 -4.77
CA GLU A 277 1.24 13.68 -4.74
C GLU A 277 0.81 13.25 -3.34
N GLU A 278 1.69 12.61 -2.57
CA GLU A 278 1.31 12.14 -1.23
C GLU A 278 1.12 13.28 -0.26
N CYS A 279 1.91 14.35 -0.37
CA CYS A 279 1.88 15.44 0.60
C CYS A 279 1.95 16.79 -0.12
N ALA A 280 0.99 16.99 -1.02
CA ALA A 280 0.94 18.18 -1.87
C ALA A 280 0.96 19.48 -1.07
N ALA A 281 0.10 19.61 -0.07
CA ALA A 281 -0.01 20.91 0.61
C ALA A 281 1.27 21.29 1.32
N PRO A 282 1.87 20.47 2.19
CA PRO A 282 3.10 20.93 2.85
C PRO A 282 4.29 21.00 1.90
N MET A 283 4.38 20.13 0.90
CA MET A 283 5.51 20.20 -0.03
C MET A 283 5.44 21.43 -0.89
N ASN A 284 4.28 21.69 -1.50
CA ASN A 284 4.11 22.92 -2.29
C ASN A 284 4.46 24.16 -1.47
N ARG A 285 3.97 24.20 -0.24
CA ARG A 285 4.22 25.36 0.62
C ARG A 285 5.72 25.53 0.87
N LEU A 286 6.40 24.42 1.20
CA LEU A 286 7.83 24.50 1.47
C LEU A 286 8.59 25.01 0.25
N VAL A 287 8.22 24.54 -0.94
CA VAL A 287 8.95 24.91 -2.15
C VAL A 287 8.70 26.36 -2.52
N ILE A 288 7.43 26.78 -2.52
CA ILE A 288 7.08 28.15 -2.88
C ILE A 288 7.72 29.14 -1.93
N ASP A 289 7.65 28.85 -0.62
CA ASP A 289 8.25 29.74 0.37
C ASP A 289 9.76 29.84 0.17
N PHE A 290 10.42 28.71 -0.06
CA PHE A 290 11.87 28.72 -0.20
C PHE A 290 12.31 29.49 -1.44
N LEU A 291 11.62 29.29 -2.57
CA LEU A 291 12.00 29.98 -3.80
C LEU A 291 11.56 31.43 -3.79
N SER A 292 10.58 31.80 -2.97
CA SER A 292 10.15 33.19 -2.92
C SER A 292 11.00 34.04 -1.99
N ARG A 293 12.00 33.46 -1.32
CA ARG A 293 12.99 34.29 -0.65
C ARG A 293 13.85 35.06 -1.64
N GLY A 294 13.91 34.63 -2.90
CA GLY A 294 14.59 35.36 -3.95
C GLY A 294 13.64 36.24 -4.74
N ARG A 295 14.19 36.85 -5.80
CA ARG A 295 13.40 37.73 -6.65
C ARG A 295 12.32 36.94 -7.39
N HIS A 296 11.10 37.44 -7.33
CA HIS A 296 9.98 36.84 -8.05
C HIS A 296 9.04 37.95 -8.53
N HIS A 297 8.22 37.60 -9.52
CA HIS A 297 7.28 38.54 -10.13
C HIS A 297 6.17 38.98 -9.15
N ALA B 1 6.00 -39.37 -15.18
CA ALA B 1 6.95 -38.64 -16.01
C ALA B 1 7.99 -37.95 -15.15
N GLU B 2 9.21 -38.49 -15.17
CA GLU B 2 10.31 -37.90 -14.42
C GLU B 2 10.76 -36.60 -15.07
N GLU B 3 10.92 -35.55 -14.25
CA GLU B 3 11.41 -34.29 -14.77
C GLU B 3 12.88 -34.35 -15.15
N PHE B 4 13.64 -35.25 -14.54
CA PHE B 4 15.07 -35.34 -14.76
C PHE B 4 15.48 -36.80 -14.83
N PRO B 5 16.54 -37.11 -15.59
CA PRO B 5 16.98 -38.51 -15.71
C PRO B 5 17.53 -39.03 -14.40
N VAL B 6 17.09 -40.21 -14.01
CA VAL B 6 17.57 -40.88 -12.81
C VAL B 6 18.83 -41.66 -13.15
N PRO B 7 19.91 -41.53 -12.37
CA PRO B 7 21.12 -42.32 -12.63
C PRO B 7 20.89 -43.81 -12.37
N ASN B 8 21.71 -44.62 -13.05
CA ASN B 8 21.63 -46.07 -12.88
C ASN B 8 21.84 -46.48 -11.44
N GLY B 9 21.04 -47.43 -10.99
CA GLY B 9 21.10 -47.90 -9.62
C GLY B 9 20.33 -47.06 -8.62
N PHE B 10 19.64 -46.02 -9.06
CA PHE B 10 18.83 -45.20 -8.18
C PHE B 10 17.34 -45.37 -8.49
N GLU B 11 16.49 -45.10 -7.49
CA GLU B 11 15.06 -45.12 -7.68
C GLU B 11 14.49 -43.73 -7.41
N SER B 12 13.52 -43.32 -8.24
CA SER B 12 12.70 -42.14 -7.98
C SER B 12 11.45 -42.60 -7.24
N ALA B 13 11.19 -42.01 -6.09
CA ALA B 13 10.13 -42.52 -5.23
C ALA B 13 9.50 -41.37 -4.44
N TYR B 14 8.44 -41.70 -3.71
CA TYR B 14 7.67 -40.73 -2.96
C TYR B 14 7.38 -41.25 -1.56
N ARG B 15 7.42 -40.37 -0.57
CA ARG B 15 6.94 -40.70 0.76
C ARG B 15 6.04 -39.58 1.25
N GLU B 16 5.00 -39.95 2.00
CA GLU B 16 4.12 -39.00 2.65
C GLU B 16 4.74 -38.62 3.98
N VAL B 17 4.91 -37.31 4.22
CA VAL B 17 5.45 -36.80 5.48
C VAL B 17 4.49 -35.72 5.97
N ASP B 18 3.83 -35.96 7.09
CA ASP B 18 2.89 -34.99 7.66
C ASP B 18 1.86 -34.52 6.62
N GLY B 19 1.36 -35.46 5.82
CA GLY B 19 0.36 -35.13 4.80
C GLY B 19 0.90 -34.52 3.52
N VAL B 20 2.22 -34.39 3.38
CA VAL B 20 2.84 -33.80 2.20
C VAL B 20 3.59 -34.90 1.47
N LYS B 21 3.28 -35.11 0.19
CA LYS B 21 3.93 -36.16 -0.57
C LYS B 21 5.26 -35.62 -1.12
N LEU B 22 6.37 -36.13 -0.61
CA LEU B 22 7.69 -35.64 -0.99
C LEU B 22 8.32 -36.57 -1.99
N HIS B 23 8.94 -36.00 -3.02
CA HIS B 23 9.66 -36.79 -4.01
C HIS B 23 11.15 -36.82 -3.68
N TYR B 24 11.79 -37.95 -3.94
CA TYR B 24 13.23 -38.07 -3.73
C TYR B 24 13.79 -39.09 -4.71
N VAL B 25 15.11 -39.09 -4.83
CA VAL B 25 15.86 -40.10 -5.58
C VAL B 25 16.85 -40.73 -4.64
N LYS B 26 16.86 -42.07 -4.58
CA LYS B 26 17.59 -42.78 -3.54
C LYS B 26 18.36 -43.96 -4.14
N GLY B 27 19.54 -44.21 -3.60
CA GLY B 27 20.33 -45.37 -3.99
C GLY B 27 21.50 -45.55 -3.06
N GLY B 28 22.18 -46.67 -3.24
CA GLY B 28 23.36 -46.96 -2.45
C GLY B 28 23.06 -47.77 -1.21
N GLN B 29 24.13 -48.05 -0.47
CA GLN B 29 24.06 -48.88 0.72
C GLN B 29 25.03 -48.31 1.75
N GLY B 30 24.66 -48.43 3.03
CA GLY B 30 25.45 -47.90 4.12
C GLY B 30 24.70 -46.82 4.87
N PRO B 31 25.40 -46.10 5.74
CA PRO B 31 24.76 -45.01 6.48
C PRO B 31 24.25 -43.93 5.53
N LEU B 32 23.27 -43.17 6.01
CA LEU B 32 22.50 -42.27 5.15
C LEU B 32 23.17 -40.91 5.02
N VAL B 33 23.19 -40.41 3.79
CA VAL B 33 23.50 -39.02 3.47
C VAL B 33 22.32 -38.41 2.74
N MET B 34 21.79 -37.31 3.26
CA MET B 34 20.73 -36.58 2.58
CA MET B 34 20.72 -36.56 2.58
C MET B 34 21.32 -35.34 1.92
N LEU B 35 20.96 -35.11 0.65
CA LEU B 35 21.47 -34.02 -0.17
C LEU B 35 20.32 -33.09 -0.49
N VAL B 36 20.43 -31.82 -0.09
CA VAL B 36 19.29 -30.91 -0.18
C VAL B 36 19.65 -29.74 -1.10
N HIS B 37 18.94 -29.65 -2.23
CA HIS B 37 19.20 -28.67 -3.28
C HIS B 37 18.70 -27.28 -2.90
N GLY B 38 18.93 -26.32 -3.79
CA GLY B 38 18.55 -24.95 -3.55
C GLY B 38 17.67 -24.34 -4.63
N PHE B 39 17.54 -23.02 -4.60
CA PHE B 39 16.67 -22.29 -5.52
C PHE B 39 17.09 -22.51 -6.97
N GLY B 40 16.09 -22.57 -7.85
CA GLY B 40 16.30 -22.75 -9.27
C GLY B 40 16.55 -24.18 -9.68
N GLN B 41 16.73 -25.08 -8.73
CA GLN B 41 17.19 -26.41 -9.06
C GLN B 41 16.30 -27.42 -8.36
N THR B 42 16.70 -28.69 -8.44
CA THR B 42 15.96 -29.82 -7.89
C THR B 42 16.99 -30.82 -7.39
N TRP B 43 16.52 -32.02 -7.02
CA TRP B 43 17.43 -33.10 -6.64
C TRP B 43 18.52 -33.30 -7.69
N TYR B 44 18.22 -32.97 -8.95
CA TYR B 44 19.10 -33.31 -10.06
C TYR B 44 20.47 -32.63 -9.96
N GLU B 45 20.60 -31.53 -9.22
CA GLU B 45 21.90 -30.90 -9.14
C GLU B 45 22.92 -31.83 -8.48
N TRP B 46 22.46 -32.83 -7.73
CA TRP B 46 23.38 -33.77 -7.09
C TRP B 46 23.66 -35.01 -7.95
N HIS B 47 23.17 -35.07 -9.18
CA HIS B 47 23.19 -36.34 -9.90
C HIS B 47 24.60 -36.83 -10.25
N GLN B 48 25.60 -35.96 -10.27
CA GLN B 48 26.97 -36.42 -10.47
C GLN B 48 27.64 -36.85 -9.19
N LEU B 49 27.30 -36.21 -8.07
CA LEU B 49 27.85 -36.63 -6.78
C LEU B 49 27.24 -37.94 -6.32
N MET B 50 25.95 -38.15 -6.61
CA MET B 50 25.21 -39.28 -6.03
C MET B 50 25.83 -40.64 -6.33
N PRO B 51 26.18 -40.99 -7.57
CA PRO B 51 26.77 -42.32 -7.81
C PRO B 51 28.09 -42.54 -7.10
N GLU B 52 28.91 -41.50 -6.95
CA GLU B 52 30.16 -41.64 -6.21
C GLU B 52 29.89 -41.89 -4.73
N LEU B 53 29.01 -41.10 -4.12
CA LEU B 53 28.67 -41.30 -2.72
C LEU B 53 27.98 -42.64 -2.48
N ALA B 54 27.23 -43.11 -3.47
CA ALA B 54 26.49 -44.36 -3.33
C ALA B 54 27.42 -45.57 -3.18
N LYS B 55 28.73 -45.38 -3.43
CA LYS B 55 29.69 -46.47 -3.27
C LYS B 55 29.93 -46.78 -1.79
N ARG B 56 29.72 -45.82 -0.91
CA ARG B 56 29.94 -46.02 0.52
C ARG B 56 28.74 -45.67 1.41
N PHE B 57 27.69 -45.05 0.87
CA PHE B 57 26.58 -44.54 1.66
C PHE B 57 25.26 -44.85 0.97
N THR B 58 24.19 -44.90 1.77
CA THR B 58 22.85 -44.73 1.24
C THR B 58 22.64 -43.24 0.98
N VAL B 59 22.24 -42.89 -0.24
CA VAL B 59 22.12 -41.49 -0.64
C VAL B 59 20.66 -41.18 -0.97
N ILE B 60 20.12 -40.13 -0.37
CA ILE B 60 18.78 -39.66 -0.70
C ILE B 60 18.84 -38.17 -1.03
N ALA B 61 18.16 -37.79 -2.11
CA ALA B 61 18.11 -36.40 -2.58
C ALA B 61 16.65 -36.01 -2.77
N PRO B 62 16.03 -35.37 -1.78
CA PRO B 62 14.64 -34.95 -1.93
C PRO B 62 14.52 -33.67 -2.73
N ASP B 63 13.37 -33.51 -3.37
CA ASP B 63 12.94 -32.21 -3.86
C ASP B 63 12.35 -31.42 -2.70
N LEU B 64 12.74 -30.15 -2.57
CA LEU B 64 12.17 -29.33 -1.51
C LEU B 64 10.66 -29.23 -1.72
N PRO B 65 9.88 -29.09 -0.64
CA PRO B 65 8.43 -28.99 -0.79
C PRO B 65 8.03 -27.92 -1.80
N GLY B 66 7.13 -28.29 -2.71
CA GLY B 66 6.65 -27.39 -3.74
C GLY B 66 7.51 -27.31 -4.96
N LEU B 67 8.76 -27.76 -4.88
CA LEU B 67 9.70 -27.73 -5.98
C LEU B 67 9.91 -29.14 -6.52
N GLY B 68 10.45 -29.20 -7.73
CA GLY B 68 10.63 -30.49 -8.37
C GLY B 68 9.28 -31.17 -8.43
N GLN B 69 9.22 -32.40 -7.92
CA GLN B 69 7.99 -33.17 -7.91
C GLN B 69 7.42 -33.35 -6.50
N SER B 70 7.84 -32.53 -5.54
CA SER B 70 7.31 -32.59 -4.18
C SER B 70 6.14 -31.65 -4.02
N GLU B 71 5.13 -32.08 -3.26
CA GLU B 71 3.98 -31.25 -2.98
C GLU B 71 4.37 -30.07 -2.09
N PRO B 72 3.66 -28.94 -2.20
CA PRO B 72 3.93 -27.79 -1.32
C PRO B 72 3.76 -28.17 0.14
N PRO B 73 4.42 -27.45 1.05
CA PRO B 73 4.19 -27.70 2.47
C PRO B 73 2.78 -27.27 2.87
N LYS B 74 2.25 -27.97 3.86
CA LYS B 74 0.95 -27.64 4.41
C LYS B 74 1.05 -26.79 5.66
N THR B 75 2.24 -26.65 6.24
CA THR B 75 2.45 -25.74 7.35
C THR B 75 2.87 -24.36 6.85
N GLY B 76 4.00 -24.29 6.14
CA GLY B 76 4.49 -23.01 5.64
C GLY B 76 5.91 -23.17 5.15
N TYR B 77 6.50 -22.05 4.72
CA TYR B 77 7.79 -22.07 4.03
C TYR B 77 8.96 -21.55 4.87
N SER B 78 8.75 -21.20 6.14
CA SER B 78 9.87 -20.81 6.98
C SER B 78 10.80 -22.02 7.21
N GLY B 79 12.04 -21.71 7.60
CA GLY B 79 13.03 -22.76 7.76
C GLY B 79 12.62 -23.78 8.80
N GLU B 80 11.98 -23.33 9.88
CA GLU B 80 11.60 -24.25 10.94
C GLU B 80 10.47 -25.16 10.49
N GLN B 81 9.54 -24.63 9.70
CA GLN B 81 8.45 -25.47 9.20
C GLN B 81 8.96 -26.48 8.17
N VAL B 82 9.79 -26.03 7.23
CA VAL B 82 10.22 -26.93 6.15
C VAL B 82 11.16 -27.99 6.70
N ALA B 83 12.01 -27.63 7.67
CA ALA B 83 12.96 -28.59 8.22
C ALA B 83 12.26 -29.78 8.85
N VAL B 84 11.03 -29.60 9.36
CA VAL B 84 10.29 -30.73 9.93
C VAL B 84 10.13 -31.83 8.88
N TYR B 85 9.73 -31.45 7.66
CA TYR B 85 9.53 -32.42 6.59
C TYR B 85 10.82 -33.16 6.26
N LEU B 86 11.93 -32.43 6.18
CA LEU B 86 13.19 -33.07 5.78
C LEU B 86 13.75 -33.95 6.90
N HIS B 87 13.59 -33.54 8.14
CA HIS B 87 14.05 -34.35 9.26
C HIS B 87 13.27 -35.66 9.34
N LYS B 88 11.93 -35.57 9.27
CA LYS B 88 11.13 -36.78 9.36
C LYS B 88 11.34 -37.69 8.15
N LEU B 89 11.57 -37.11 6.97
CA LEU B 89 11.89 -37.92 5.81
C LEU B 89 13.17 -38.72 6.03
N ALA B 90 14.22 -38.05 6.51
CA ALA B 90 15.50 -38.72 6.74
C ALA B 90 15.36 -39.83 7.79
N ARG B 91 14.56 -39.58 8.82
CA ARG B 91 14.40 -40.58 9.87
CA ARG B 91 14.36 -40.56 9.89
C ARG B 91 13.59 -41.78 9.41
N GLN B 92 12.76 -41.64 8.38
CA GLN B 92 12.10 -42.82 7.82
C GLN B 92 13.14 -43.81 7.30
N PHE B 93 14.30 -43.33 6.86
CA PHE B 93 15.31 -44.22 6.31
C PHE B 93 16.48 -44.50 7.23
N SER B 94 16.77 -43.61 8.19
CA SER B 94 17.82 -43.84 9.17
C SER B 94 17.27 -43.64 10.58
N PRO B 95 16.32 -44.49 10.99
CA PRO B 95 15.73 -44.29 12.33
C PRO B 95 16.66 -44.64 13.47
N ASP B 96 17.70 -45.44 13.23
CA ASP B 96 18.50 -45.99 14.32
C ASP B 96 19.91 -45.44 14.39
N ARG B 97 20.32 -44.58 13.45
CA ARG B 97 21.67 -44.02 13.53
C ARG B 97 21.66 -42.61 12.97
N PRO B 98 22.63 -41.78 13.37
CA PRO B 98 22.71 -40.44 12.80
C PRO B 98 22.96 -40.51 11.30
N PHE B 99 22.54 -39.47 10.60
CA PHE B 99 22.77 -39.40 9.16
C PHE B 99 23.57 -38.13 8.85
N ASP B 100 24.17 -38.12 7.68
CA ASP B 100 24.90 -36.95 7.18
C ASP B 100 23.97 -36.05 6.37
N LEU B 101 24.30 -34.77 6.37
CA LEU B 101 23.50 -33.78 5.65
C LEU B 101 24.39 -32.90 4.81
N VAL B 102 24.06 -32.77 3.53
CA VAL B 102 24.71 -31.85 2.60
C VAL B 102 23.63 -30.94 2.03
N ALA B 103 23.83 -29.63 2.13
CA ALA B 103 22.83 -28.68 1.62
C ALA B 103 23.50 -27.53 0.87
N HIS B 104 22.76 -27.00 -0.12
CA HIS B 104 23.22 -25.95 -1.02
C HIS B 104 22.16 -24.86 -1.10
N ASP B 105 22.56 -23.61 -0.93
CA ASP B 105 21.69 -22.42 -1.13
C ASP B 105 20.54 -22.53 -0.13
N ILE B 106 19.28 -22.40 -0.53
CA ILE B 106 18.21 -22.42 0.48
C ILE B 106 18.03 -23.79 1.12
N GLY B 107 18.70 -24.83 0.59
CA GLY B 107 18.77 -26.09 1.32
C GLY B 107 19.31 -25.91 2.73
N ILE B 108 20.23 -24.95 2.89
CA ILE B 108 20.71 -24.57 4.22
C ILE B 108 19.57 -24.02 5.06
N TRP B 109 18.80 -23.07 4.50
CA TRP B 109 17.73 -22.43 5.25
C TRP B 109 16.74 -23.47 5.76
N ASN B 110 16.49 -24.49 4.97
CA ASN B 110 15.46 -25.47 5.23
C ASN B 110 15.96 -26.66 6.02
N THR B 111 17.22 -26.62 6.47
CA THR B 111 17.74 -27.74 7.25
C THR B 111 18.35 -27.30 8.58
N TYR B 112 18.93 -26.10 8.63
CA TYR B 112 19.59 -25.66 9.87
C TYR B 112 18.74 -25.82 11.12
N PRO B 113 17.44 -25.47 11.14
CA PRO B 113 16.67 -25.67 12.38
C PRO B 113 16.60 -27.12 12.81
N MET B 114 16.40 -28.06 11.88
CA MET B 114 16.33 -29.46 12.33
C MET B 114 17.71 -29.96 12.76
N VAL B 115 18.78 -29.42 12.17
CA VAL B 115 20.12 -29.79 12.61
C VAL B 115 20.34 -29.32 14.05
N VAL B 116 20.05 -28.05 14.33
CA VAL B 116 20.36 -27.54 15.64
C VAL B 116 19.45 -28.17 16.70
N LYS B 117 18.22 -28.54 16.34
CA LYS B 117 17.28 -29.09 17.31
C LYS B 117 17.38 -30.61 17.48
N ASN B 118 18.11 -31.31 16.60
CA ASN B 118 18.23 -32.77 16.69
C ASN B 118 19.67 -33.18 16.44
N GLN B 119 20.59 -32.60 17.21
CA GLN B 119 22.00 -32.76 16.90
C GLN B 119 22.46 -34.21 16.98
N ALA B 120 21.84 -35.00 17.86
CA ALA B 120 22.17 -36.43 17.95
C ALA B 120 21.82 -37.19 16.68
N ASP B 121 20.92 -36.66 15.86
CA ASP B 121 20.55 -37.29 14.59
C ASP B 121 21.47 -36.93 13.44
N ILE B 122 22.39 -35.98 13.60
CA ILE B 122 23.25 -35.52 12.51
C ILE B 122 24.68 -35.97 12.81
N ALA B 123 25.23 -36.80 11.91
CA ALA B 123 26.59 -37.25 12.11
C ALA B 123 27.59 -36.20 11.65
N ARG B 124 27.51 -35.79 10.39
CA ARG B 124 28.39 -34.77 9.81
C ARG B 124 27.57 -33.87 8.89
N LEU B 125 28.00 -32.62 8.78
CA LEU B 125 27.25 -31.58 8.08
C LEU B 125 28.13 -30.91 7.03
N VAL B 126 27.59 -30.73 5.82
CA VAL B 126 28.27 -29.97 4.77
C VAL B 126 27.32 -28.88 4.28
N TYR B 127 27.74 -27.62 4.40
CA TYR B 127 26.92 -26.49 3.94
C TYR B 127 27.68 -25.74 2.84
N MET B 128 27.00 -25.40 1.76
CA MET B 128 27.68 -24.70 0.67
C MET B 128 26.79 -23.60 0.09
N GLN B 129 27.39 -22.43 -0.10
CA GLN B 129 26.86 -21.33 -0.90
C GLN B 129 25.46 -20.88 -0.43
N ALA B 130 25.38 -20.44 0.81
CA ALA B 130 24.27 -19.61 1.29
C ALA B 130 24.51 -19.19 2.73
N PRO B 131 24.10 -17.99 3.10
CA PRO B 131 24.15 -17.61 4.52
C PRO B 131 23.09 -18.38 5.28
N ILE B 132 23.43 -18.78 6.49
CA ILE B 132 22.35 -19.11 7.42
C ILE B 132 21.54 -17.85 7.69
N PRO B 133 20.21 -17.88 7.59
CA PRO B 133 19.41 -16.67 7.84
C PRO B 133 19.65 -16.11 9.23
N ASP B 134 20.30 -14.95 9.30
CA ASP B 134 20.47 -14.20 10.54
C ASP B 134 20.71 -12.76 10.15
N ALA B 135 21.06 -11.92 11.14
CA ALA B 135 21.09 -10.48 10.92
C ALA B 135 22.18 -10.05 9.94
N ARG B 136 23.16 -10.92 9.66
CA ARG B 136 24.19 -10.59 8.70
C ARG B 136 23.61 -10.30 7.32
N ILE B 137 22.50 -10.94 6.96
CA ILE B 137 21.97 -10.69 5.62
C ILE B 137 21.49 -9.26 5.47
N TYR B 138 21.21 -8.56 6.57
CA TYR B 138 20.75 -7.18 6.50
C TYR B 138 21.87 -6.20 6.16
N ARG B 139 23.10 -6.67 6.03
CA ARG B 139 24.25 -5.86 5.63
C ARG B 139 24.57 -5.94 4.14
N PHE B 140 24.13 -6.99 3.48
CA PHE B 140 24.52 -7.25 2.10
C PHE B 140 24.09 -6.08 1.23
N PRO B 141 25.01 -5.44 0.49
CA PRO B 141 24.64 -4.27 -0.30
C PRO B 141 23.73 -4.58 -1.50
N ALA B 142 22.80 -3.67 -1.76
CA ALA B 142 21.85 -3.81 -2.86
C ALA B 142 22.49 -3.65 -4.24
N PHE B 143 23.61 -2.92 -4.35
CA PHE B 143 24.13 -2.49 -5.64
C PHE B 143 25.63 -2.29 -5.48
N THR B 144 26.42 -2.65 -6.50
CA THR B 144 27.86 -2.62 -6.39
C THR B 144 28.46 -1.73 -7.48
N ALA B 145 29.73 -1.37 -7.28
CA ALA B 145 30.45 -0.58 -8.27
C ALA B 145 30.67 -1.33 -9.59
N GLN B 146 30.35 -2.63 -9.63
CA GLN B 146 30.40 -3.43 -10.84
C GLN B 146 29.02 -3.69 -11.43
N GLY B 147 27.97 -3.16 -10.81
CA GLY B 147 26.63 -3.42 -11.29
C GLY B 147 25.80 -4.22 -10.31
N GLU B 148 24.92 -5.09 -10.84
CA GLU B 148 23.98 -5.81 -10.00
C GLU B 148 24.73 -6.65 -8.98
N SER B 149 24.19 -6.71 -7.76
CA SER B 149 24.78 -7.46 -6.67
C SER B 149 24.31 -8.90 -6.71
N LEU B 150 24.85 -9.71 -5.81
CA LEU B 150 24.50 -11.12 -5.75
C LEU B 150 23.26 -11.38 -4.90
N VAL B 151 22.72 -10.35 -4.25
CA VAL B 151 21.69 -10.57 -3.23
C VAL B 151 20.42 -9.76 -3.47
N TRP B 152 20.34 -8.95 -4.53
CA TRP B 152 19.11 -8.20 -4.74
C TRP B 152 17.92 -9.10 -4.99
N HIS B 153 18.16 -10.34 -5.40
CA HIS B 153 17.04 -11.26 -5.57
C HIS B 153 16.28 -11.53 -4.27
N PHE B 154 16.92 -11.34 -3.10
CA PHE B 154 16.19 -11.52 -1.84
C PHE B 154 14.95 -10.65 -1.82
N SER B 155 15.09 -9.38 -2.20
CA SER B 155 13.95 -8.46 -2.12
C SER B 155 13.00 -8.67 -3.27
N PHE B 156 13.55 -8.96 -4.45
CA PHE B 156 12.71 -9.25 -5.62
C PHE B 156 11.79 -10.42 -5.33
N PHE B 157 12.34 -11.50 -4.78
CA PHE B 157 11.56 -12.70 -4.52
C PHE B 157 10.63 -12.52 -3.32
N ALA B 158 11.06 -11.73 -2.32
CA ALA B 158 10.23 -11.53 -1.14
C ALA B 158 9.08 -10.54 -1.35
N ALA B 159 9.16 -9.69 -2.38
CA ALA B 159 8.11 -8.69 -2.62
C ALA B 159 6.73 -9.35 -2.72
N ASP B 160 5.70 -8.60 -2.32
CA ASP B 160 4.32 -9.08 -2.36
C ASP B 160 3.71 -8.82 -3.73
N ASP B 161 2.38 -8.82 -3.82
CA ASP B 161 1.66 -8.70 -5.09
C ASP B 161 2.03 -9.83 -6.06
N ARG B 162 2.60 -10.92 -5.56
CA ARG B 162 3.15 -11.96 -6.43
C ARG B 162 4.02 -11.35 -7.52
N LEU B 163 4.88 -10.39 -7.13
CA LEU B 163 5.63 -9.61 -8.10
C LEU B 163 6.48 -10.49 -9.00
N ALA B 164 7.22 -11.42 -8.40
CA ALA B 164 8.14 -12.25 -9.17
C ALA B 164 7.37 -13.20 -10.08
N GLU B 165 6.39 -13.93 -9.54
CA GLU B 165 5.58 -14.81 -10.39
C GLU B 165 4.99 -14.07 -11.57
N THR B 166 4.49 -12.85 -11.33
CA THR B 166 3.80 -12.12 -12.38
C THR B 166 4.77 -11.64 -13.47
N LEU B 167 5.96 -11.17 -13.07
CA LEU B 167 6.92 -10.71 -14.06
C LEU B 167 7.63 -11.87 -14.76
N ILE B 168 7.78 -13.01 -14.09
CA ILE B 168 8.56 -14.09 -14.67
C ILE B 168 7.72 -15.04 -15.52
N ALA B 169 6.42 -15.18 -15.22
CA ALA B 169 5.57 -16.10 -15.98
C ALA B 169 5.63 -15.78 -17.46
N GLY B 170 5.80 -16.83 -18.28
CA GLY B 170 6.06 -16.68 -19.70
C GLY B 170 7.50 -16.41 -20.06
N LYS B 171 8.35 -16.11 -19.08
CA LYS B 171 9.76 -15.85 -19.33
C LYS B 171 10.62 -16.69 -18.40
N GLU B 172 10.12 -17.85 -17.96
CA GLU B 172 10.82 -18.64 -16.96
C GLU B 172 12.18 -19.10 -17.47
N ARG B 173 12.25 -19.60 -18.71
CA ARG B 173 13.52 -20.05 -19.28
C ARG B 173 14.50 -18.89 -19.41
N PHE B 174 14.02 -17.73 -19.85
CA PHE B 174 14.89 -16.57 -19.96
C PHE B 174 15.43 -16.15 -18.61
N PHE B 175 14.57 -16.12 -17.58
CA PHE B 175 15.01 -15.62 -16.29
C PHE B 175 15.96 -16.61 -15.63
N LEU B 176 15.71 -17.90 -15.82
CA LEU B 176 16.58 -18.91 -15.22
C LEU B 176 17.99 -18.84 -15.80
N GLU B 177 18.11 -18.74 -17.13
CA GLU B 177 19.43 -18.56 -17.71
C GLU B 177 20.11 -17.32 -17.14
N HIS B 178 19.34 -16.25 -16.91
CA HIS B 178 19.97 -15.03 -16.43
C HIS B 178 20.52 -15.19 -15.02
N PHE B 179 19.74 -15.75 -14.09
CA PHE B 179 20.26 -15.83 -12.72
C PHE B 179 21.25 -16.96 -12.55
N ILE B 180 21.17 -18.02 -13.36
CA ILE B 180 22.25 -18.99 -13.31
C ILE B 180 23.56 -18.34 -13.73
N LYS B 181 23.55 -17.64 -14.86
CA LYS B 181 24.80 -17.07 -15.35
C LYS B 181 25.24 -15.87 -14.51
N SER B 182 24.30 -15.13 -13.91
CA SER B 182 24.72 -13.99 -13.10
C SER B 182 25.33 -14.43 -11.77
N HIS B 183 25.16 -15.70 -11.38
CA HIS B 183 25.80 -16.23 -10.18
C HIS B 183 26.84 -17.28 -10.51
N ALA B 184 27.22 -17.40 -11.78
CA ALA B 184 28.16 -18.40 -12.24
C ALA B 184 29.52 -17.81 -12.60
N SER B 185 30.55 -18.61 -12.36
CA SER B 185 31.85 -18.35 -12.95
CA SER B 185 31.86 -18.35 -12.95
C SER B 185 32.04 -19.14 -14.24
N ASN B 186 31.61 -20.39 -14.25
CA ASN B 186 31.76 -21.29 -15.38
C ASN B 186 30.37 -21.55 -15.95
N THR B 187 29.97 -20.72 -16.93
CA THR B 187 28.66 -20.91 -17.52
C THR B 187 28.60 -22.07 -18.52
N GLU B 188 29.75 -22.50 -19.04
CA GLU B 188 29.76 -23.51 -20.09
C GLU B 188 29.33 -24.89 -19.60
N VAL B 189 29.20 -25.10 -18.29
CA VAL B 189 28.72 -26.39 -17.81
C VAL B 189 27.22 -26.52 -18.02
N PHE B 190 26.52 -25.42 -18.27
CA PHE B 190 25.05 -25.40 -18.37
C PHE B 190 24.63 -25.50 -19.83
N SER B 191 24.30 -26.72 -20.25
CA SER B 191 23.82 -26.96 -21.60
C SER B 191 22.42 -26.36 -21.79
N GLU B 192 22.06 -26.13 -23.06
CA GLU B 192 20.69 -25.72 -23.35
C GLU B 192 19.69 -26.76 -22.86
N ARG B 193 20.06 -28.04 -22.92
CA ARG B 193 19.15 -29.08 -22.44
C ARG B 193 18.99 -29.01 -20.92
N LEU B 194 20.08 -28.82 -20.19
CA LEU B 194 20.01 -28.73 -18.74
C LEU B 194 19.16 -27.54 -18.30
N LEU B 195 19.36 -26.39 -18.94
CA LEU B 195 18.57 -25.20 -18.65
C LEU B 195 17.10 -25.41 -18.97
N ASP B 196 16.82 -26.15 -20.06
CA ASP B 196 15.43 -26.45 -20.41
C ASP B 196 14.77 -27.29 -19.33
N LEU B 197 15.50 -28.30 -18.81
CA LEU B 197 14.96 -29.17 -17.77
C LEU B 197 14.67 -28.39 -16.49
N TYR B 198 15.63 -27.60 -16.03
CA TYR B 198 15.41 -26.80 -14.84
C TYR B 198 14.27 -25.81 -15.03
N ALA B 199 14.20 -25.18 -16.20
CA ALA B 199 13.18 -24.17 -16.42
C ALA B 199 11.79 -24.79 -16.50
N ARG B 200 11.67 -25.93 -17.17
CA ARG B 200 10.38 -26.63 -17.20
C ARG B 200 9.93 -26.97 -15.78
N SER B 201 10.87 -27.36 -14.92
CA SER B 201 10.47 -27.76 -13.57
C SER B 201 9.95 -26.57 -12.78
N TYR B 202 10.73 -25.50 -12.66
CA TYR B 202 10.24 -24.46 -11.76
C TYR B 202 9.18 -23.59 -12.42
N ALA B 203 8.92 -23.78 -13.72
CA ALA B 203 7.85 -23.04 -14.38
C ALA B 203 6.46 -23.59 -14.04
N LYS B 204 6.37 -24.81 -13.50
CA LYS B 204 5.09 -25.24 -12.97
C LYS B 204 4.54 -24.16 -12.02
N PRO B 205 3.29 -23.74 -12.19
CA PRO B 205 2.82 -22.56 -11.45
C PRO B 205 2.94 -22.71 -9.94
N HIS B 206 2.70 -23.91 -9.40
CA HIS B 206 2.86 -24.09 -7.96
C HIS B 206 4.33 -24.12 -7.56
N SER B 207 5.22 -24.56 -8.47
CA SER B 207 6.64 -24.53 -8.17
C SER B 207 7.22 -23.13 -8.30
N LEU B 208 6.77 -22.36 -9.29
CA LEU B 208 7.21 -20.96 -9.39
C LEU B 208 6.81 -20.19 -8.15
N ASN B 209 5.57 -20.36 -7.69
CA ASN B 209 5.16 -19.74 -6.44
C ASN B 209 5.98 -20.27 -5.27
N ALA B 210 6.14 -21.59 -5.18
CA ALA B 210 6.89 -22.13 -4.04
C ALA B 210 8.30 -21.57 -3.97
N SER B 211 8.95 -21.39 -5.14
CA SER B 211 10.31 -20.85 -5.19
C SER B 211 10.42 -19.53 -4.44
N PHE B 212 9.44 -18.66 -4.59
CA PHE B 212 9.52 -17.36 -3.96
C PHE B 212 8.96 -17.35 -2.55
N GLU B 213 8.10 -18.31 -2.20
CA GLU B 213 7.54 -18.32 -0.86
C GLU B 213 8.61 -18.61 0.18
N TYR B 214 9.69 -19.29 -0.21
CA TYR B 214 10.83 -19.44 0.69
C TYR B 214 11.44 -18.09 1.03
N TYR B 215 11.45 -17.17 0.08
CA TYR B 215 11.99 -15.83 0.35
C TYR B 215 10.98 -14.97 1.09
N ARG B 216 9.69 -15.12 0.81
CA ARG B 216 8.69 -14.37 1.56
C ARG B 216 8.68 -14.77 3.02
N ALA B 217 9.25 -15.92 3.36
CA ALA B 217 9.33 -16.35 4.75
C ALA B 217 10.71 -16.11 5.35
N LEU B 218 11.61 -15.42 4.64
CA LEU B 218 13.02 -15.35 5.04
C LEU B 218 13.20 -14.58 6.35
N ASN B 219 12.49 -13.46 6.51
CA ASN B 219 12.59 -12.72 7.77
C ASN B 219 12.06 -13.54 8.93
N GLU B 220 11.01 -14.32 8.70
CA GLU B 220 10.53 -15.18 9.77
C GLU B 220 11.57 -16.23 10.12
N SER B 221 12.27 -16.76 9.11
CA SER B 221 13.36 -17.69 9.37
C SER B 221 14.48 -17.03 10.18
N VAL B 222 14.83 -15.79 9.83
CA VAL B 222 15.83 -15.05 10.61
C VAL B 222 15.39 -14.93 12.07
N ARG B 223 14.12 -14.56 12.30
CA ARG B 223 13.65 -14.44 13.69
C ARG B 223 13.68 -15.80 14.38
N GLN B 224 13.23 -16.86 13.71
CA GLN B 224 13.34 -18.21 14.27
C GLN B 224 14.77 -18.55 14.65
N ASN B 225 15.72 -18.30 13.74
CA ASN B 225 17.09 -18.69 14.00
C ASN B 225 17.72 -17.87 15.12
N ALA B 226 17.22 -16.67 15.38
CA ALA B 226 17.75 -15.87 16.48
C ALA B 226 17.61 -16.60 17.80
N GLU B 227 16.56 -17.42 17.95
CA GLU B 227 16.40 -18.22 19.15
CA GLU B 227 16.41 -18.22 19.16
C GLU B 227 17.18 -19.53 19.06
N LEU B 228 17.06 -20.23 17.93
CA LEU B 228 17.74 -21.52 17.78
C LEU B 228 19.26 -21.40 17.94
N ALA B 229 19.83 -20.27 17.54
CA ALA B 229 21.29 -20.13 17.51
C ALA B 229 21.89 -20.00 18.90
N LYS B 230 21.06 -19.92 19.95
CA LYS B 230 21.56 -20.00 21.32
C LYS B 230 22.30 -21.31 21.57
N THR B 231 22.02 -22.35 20.78
CA THR B 231 22.67 -23.66 20.90
C THR B 231 23.66 -23.84 19.75
N ARG B 232 24.94 -23.92 20.09
CA ARG B 232 26.00 -24.08 19.11
C ARG B 232 25.98 -25.50 18.53
N LEU B 233 26.32 -25.62 17.24
CA LEU B 233 26.39 -26.94 16.61
C LEU B 233 27.66 -27.67 17.03
N GLN B 234 27.52 -28.98 17.31
CA GLN B 234 28.60 -29.75 17.89
C GLN B 234 29.17 -30.81 16.96
N MET B 235 28.51 -31.14 15.86
CA MET B 235 28.99 -32.18 14.96
C MET B 235 30.07 -31.64 14.02
N PRO B 236 30.90 -32.53 13.46
CA PRO B 236 31.90 -32.08 12.47
C PRO B 236 31.21 -31.46 11.26
N THR B 237 31.70 -30.28 10.86
CA THR B 237 31.08 -29.48 9.82
C THR B 237 32.12 -29.08 8.79
N MET B 238 31.72 -29.04 7.53
CA MET B 238 32.53 -28.46 6.48
C MET B 238 31.72 -27.47 5.66
N THR B 239 32.29 -26.30 5.37
CA THR B 239 31.70 -25.35 4.45
C THR B 239 32.48 -25.30 3.15
N LEU B 240 31.75 -25.09 2.05
CA LEU B 240 32.34 -24.88 0.72
C LEU B 240 31.76 -23.62 0.13
N ALA B 241 32.59 -22.86 -0.58
CA ALA B 241 32.14 -21.63 -1.21
C ALA B 241 33.01 -21.39 -2.42
N GLY B 242 32.41 -20.80 -3.46
CA GLY B 242 33.18 -20.42 -4.62
C GLY B 242 34.05 -19.20 -4.34
N GLY B 243 35.16 -19.12 -5.08
CA GLY B 243 36.05 -18.00 -4.96
C GLY B 243 35.91 -17.04 -6.12
N GLY B 244 35.22 -17.44 -7.17
CA GLY B 244 35.04 -16.63 -8.35
C GLY B 244 33.74 -15.85 -8.34
N HIS B 245 33.34 -15.41 -9.52
CA HIS B 245 32.11 -14.64 -9.65
C HIS B 245 30.91 -15.48 -9.24
N GLY B 246 30.04 -14.90 -8.40
CA GLY B 246 28.94 -15.63 -7.81
C GLY B 246 29.27 -16.36 -6.52
N GLY B 247 30.55 -16.55 -6.21
CA GLY B 247 30.92 -17.27 -5.03
C GLY B 247 30.83 -16.40 -3.78
N MET B 248 30.61 -17.07 -2.65
CA MET B 248 30.52 -16.37 -1.37
C MET B 248 31.86 -16.16 -0.69
N GLY B 249 32.94 -16.74 -1.20
CA GLY B 249 34.24 -16.44 -0.64
C GLY B 249 34.31 -16.85 0.81
N THR B 250 35.02 -16.03 1.61
CA THR B 250 35.29 -16.34 3.00
C THR B 250 34.06 -16.22 3.89
N PHE B 251 32.97 -15.62 3.41
CA PHE B 251 31.82 -15.41 4.29
C PHE B 251 31.26 -16.72 4.82
N GLN B 252 31.26 -17.77 3.98
CA GLN B 252 30.65 -19.03 4.35
C GLN B 252 31.29 -19.61 5.61
N LEU B 253 32.61 -19.79 5.60
CA LEU B 253 33.27 -20.33 6.78
C LEU B 253 33.22 -19.35 7.95
N GLU B 254 33.40 -18.06 7.68
CA GLU B 254 33.40 -17.08 8.75
C GLU B 254 32.06 -17.05 9.48
N GLN B 255 30.94 -17.12 8.75
CA GLN B 255 29.66 -17.21 9.43
C GLN B 255 29.56 -18.50 10.24
N MET B 256 29.94 -19.62 9.63
CA MET B 256 29.77 -20.91 10.29
C MET B 256 30.60 -20.99 11.57
N LYS B 257 31.70 -20.24 11.64
CA LYS B 257 32.49 -20.24 12.87
C LYS B 257 31.68 -19.74 14.06
N ALA B 258 30.67 -18.89 13.82
CA ALA B 258 29.83 -18.44 14.92
C ALA B 258 28.79 -19.48 15.32
N TYR B 259 28.49 -20.44 14.46
CA TYR B 259 27.46 -21.44 14.72
C TYR B 259 28.01 -22.80 15.14
N ALA B 260 29.26 -23.13 14.78
CA ALA B 260 29.77 -24.49 14.95
C ALA B 260 31.10 -24.49 15.69
N GLU B 261 31.24 -25.46 16.61
CA GLU B 261 32.49 -25.63 17.33
C GLU B 261 33.57 -26.25 16.46
N ASP B 262 33.18 -27.15 15.56
CA ASP B 262 34.11 -28.04 14.84
C ASP B 262 33.84 -27.89 13.36
N VAL B 263 34.54 -26.95 12.70
CA VAL B 263 34.24 -26.60 11.31
C VAL B 263 35.53 -26.32 10.56
N GLU B 264 35.58 -26.82 9.33
CA GLU B 264 36.63 -26.53 8.37
C GLU B 264 35.97 -26.03 7.11
N GLY B 265 36.67 -25.20 6.36
CA GLY B 265 36.07 -24.55 5.21
C GLY B 265 37.03 -24.49 4.05
N HIS B 266 36.47 -24.51 2.85
CA HIS B 266 37.26 -24.34 1.64
C HIS B 266 36.62 -23.29 0.74
N VAL B 267 37.46 -22.51 0.09
CA VAL B 267 37.03 -21.62 -0.97
C VAL B 267 37.64 -22.12 -2.27
N LEU B 268 36.79 -22.31 -3.29
CA LEU B 268 37.23 -22.92 -4.54
C LEU B 268 37.51 -21.84 -5.57
N PRO B 269 38.77 -21.51 -5.84
CA PRO B 269 39.06 -20.49 -6.86
C PRO B 269 38.51 -20.93 -8.21
N GLY B 270 38.03 -19.96 -8.99
CA GLY B 270 37.54 -20.24 -10.32
C GLY B 270 36.14 -20.81 -10.38
N CYS B 271 35.41 -20.83 -9.26
CA CYS B 271 34.09 -21.40 -9.14
C CYS B 271 33.11 -20.38 -8.59
N GLY B 272 31.88 -20.44 -9.07
CA GLY B 272 30.87 -19.51 -8.61
C GLY B 272 29.91 -20.13 -7.63
N HIS B 273 28.62 -19.92 -7.86
CA HIS B 273 27.61 -20.39 -6.92
C HIS B 273 27.21 -21.84 -7.12
N TRP B 274 27.19 -22.31 -8.36
CA TRP B 274 26.58 -23.60 -8.68
C TRP B 274 27.60 -24.72 -8.56
N LEU B 275 28.14 -24.86 -7.33
CA LEU B 275 29.32 -25.70 -7.12
C LEU B 275 29.15 -27.12 -7.66
N PRO B 276 28.04 -27.83 -7.42
CA PRO B 276 27.94 -29.21 -7.93
C PRO B 276 28.06 -29.32 -9.44
N GLU B 277 27.78 -28.24 -10.18
CA GLU B 277 27.89 -28.25 -11.63
C GLU B 277 29.10 -27.49 -12.16
N GLU B 278 29.41 -26.32 -11.59
CA GLU B 278 30.56 -25.57 -12.07
C GLU B 278 31.86 -26.22 -11.71
N CYS B 279 31.92 -26.90 -10.56
CA CYS B 279 33.18 -27.42 -10.04
C CYS B 279 32.94 -28.80 -9.46
N ALA B 280 32.33 -29.65 -10.31
CA ALA B 280 31.81 -30.94 -9.88
C ALA B 280 32.92 -31.79 -9.26
N ALA B 281 34.03 -31.99 -9.97
CA ALA B 281 35.04 -32.94 -9.52
C ALA B 281 35.67 -32.54 -8.19
N PRO B 282 36.21 -31.33 -8.01
CA PRO B 282 36.79 -31.00 -6.70
C PRO B 282 35.76 -30.89 -5.58
N MET B 283 34.53 -30.45 -5.87
CA MET B 283 33.50 -30.43 -4.83
C MET B 283 33.13 -31.84 -4.40
N ASN B 284 32.89 -32.72 -5.37
CA ASN B 284 32.64 -34.13 -5.05
C ASN B 284 33.74 -34.69 -4.15
N ARG B 285 35.00 -34.42 -4.50
CA ARG B 285 36.11 -35.00 -3.76
C ARG B 285 36.15 -34.50 -2.32
N LEU B 286 35.97 -33.19 -2.13
CA LEU B 286 36.01 -32.65 -0.78
C LEU B 286 34.87 -33.19 0.08
N VAL B 287 33.68 -33.32 -0.51
CA VAL B 287 32.53 -33.84 0.21
C VAL B 287 32.74 -35.31 0.55
N ILE B 288 33.22 -36.10 -0.42
CA ILE B 288 33.42 -37.53 -0.19
C ILE B 288 34.49 -37.76 0.86
N ASP B 289 35.61 -37.06 0.75
CA ASP B 289 36.67 -37.22 1.75
C ASP B 289 36.20 -36.81 3.14
N PHE B 290 35.48 -35.69 3.23
CA PHE B 290 35.01 -35.24 4.54
C PHE B 290 34.04 -36.23 5.16
N LEU B 291 33.10 -36.74 4.37
CA LEU B 291 32.14 -37.69 4.91
C LEU B 291 32.72 -39.07 5.14
N SER B 292 33.83 -39.41 4.50
CA SER B 292 34.36 -40.76 4.59
C SER B 292 35.33 -40.94 5.74
N ARG B 293 35.73 -39.89 6.44
CA ARG B 293 36.45 -40.12 7.69
C ARG B 293 35.52 -40.22 8.89
N GLY B 294 34.22 -39.97 8.69
CA GLY B 294 33.24 -40.27 9.72
C GLY B 294 32.98 -41.76 9.85
N ARG B 295 32.30 -42.34 8.86
CA ARG B 295 31.95 -43.77 8.86
C ARG B 295 31.23 -44.09 7.55
N HIS B 296 31.30 -45.34 7.09
CA HIS B 296 30.65 -45.70 5.83
C HIS B 296 30.79 -47.21 5.57
N HIS B 297 30.10 -47.65 4.52
CA HIS B 297 30.29 -48.99 3.93
C HIS B 297 31.60 -49.00 3.13
N ALA C 1 -10.85 -30.02 9.76
CA ALA C 1 -10.44 -29.03 8.76
C ALA C 1 -10.08 -27.71 9.42
N GLU C 2 -8.84 -27.26 9.21
CA GLU C 2 -8.34 -26.04 9.83
C GLU C 2 -8.26 -24.93 8.80
N GLU C 3 -8.76 -23.75 9.16
CA GLU C 3 -8.64 -22.61 8.27
C GLU C 3 -7.21 -22.11 8.18
N PHE C 4 -6.41 -22.30 9.23
CA PHE C 4 -5.03 -21.84 9.30
C PHE C 4 -4.16 -22.93 9.92
N PRO C 5 -2.89 -23.00 9.51
CA PRO C 5 -2.02 -24.06 10.05
C PRO C 5 -1.62 -23.79 11.50
N VAL C 6 -1.70 -24.84 12.31
CA VAL C 6 -1.47 -24.74 13.74
C VAL C 6 0.02 -24.90 14.00
N PRO C 7 0.65 -24.01 14.76
CA PRO C 7 2.09 -24.16 15.00
C PRO C 7 2.38 -25.47 15.72
N ASN C 8 3.59 -25.98 15.48
CA ASN C 8 3.98 -27.26 16.07
C ASN C 8 3.89 -27.18 17.59
N GLY C 9 3.31 -28.22 18.19
CA GLY C 9 3.17 -28.26 19.64
C GLY C 9 1.92 -27.60 20.18
N PHE C 10 1.06 -27.08 19.30
CA PHE C 10 -0.22 -26.50 19.69
C PHE C 10 -1.35 -27.41 19.21
N GLU C 11 -2.49 -27.30 19.88
CA GLU C 11 -3.70 -28.02 19.48
C GLU C 11 -4.79 -27.02 19.09
N SER C 12 -5.54 -27.37 18.06
CA SER C 12 -6.78 -26.69 17.73
C SER C 12 -7.91 -27.45 18.42
N ALA C 13 -8.71 -26.75 19.23
CA ALA C 13 -9.76 -27.38 20.01
C ALA C 13 -10.96 -26.45 20.10
N TYR C 14 -12.06 -26.97 20.65
CA TYR C 14 -13.28 -26.21 20.83
C TYR C 14 -13.77 -26.33 22.26
N ARG C 15 -14.40 -25.26 22.74
CA ARG C 15 -14.99 -25.28 24.06
C ARG C 15 -16.36 -24.61 23.98
N GLU C 16 -17.39 -25.34 24.36
CA GLU C 16 -18.72 -24.78 24.49
C GLU C 16 -18.77 -23.90 25.73
N VAL C 17 -19.17 -22.64 25.55
CA VAL C 17 -19.28 -21.66 26.61
C VAL C 17 -20.63 -20.97 26.45
N ASP C 18 -21.50 -21.11 27.46
CA ASP C 18 -22.85 -20.52 27.45
C ASP C 18 -23.58 -20.85 26.16
N GLY C 19 -23.48 -22.10 25.72
CA GLY C 19 -24.13 -22.55 24.51
C GLY C 19 -23.43 -22.21 23.21
N VAL C 20 -22.27 -21.56 23.27
CA VAL C 20 -21.55 -21.13 22.07
C VAL C 20 -20.26 -21.93 21.99
N LYS C 21 -20.04 -22.61 20.87
CA LYS C 21 -18.81 -23.39 20.66
C LYS C 21 -17.71 -22.46 20.14
N LEU C 22 -16.73 -22.18 20.98
CA LEU C 22 -15.61 -21.30 20.61
C LEU C 22 -14.44 -22.14 20.11
N HIS C 23 -13.87 -21.73 18.98
CA HIS C 23 -12.62 -22.34 18.51
C HIS C 23 -11.42 -21.66 19.18
N TYR C 24 -10.41 -22.45 19.53
CA TYR C 24 -9.19 -21.84 20.05
C TYR C 24 -7.99 -22.69 19.69
N VAL C 25 -6.81 -22.07 19.74
CA VAL C 25 -5.54 -22.78 19.62
C VAL C 25 -4.78 -22.60 20.91
N LYS C 26 -4.19 -23.70 21.41
CA LYS C 26 -3.62 -23.73 22.75
C LYS C 26 -2.30 -24.50 22.74
N GLY C 27 -1.37 -24.05 23.56
CA GLY C 27 -0.10 -24.75 23.71
C GLY C 27 0.73 -24.12 24.79
N GLY C 28 1.77 -24.84 25.19
CA GLY C 28 2.67 -24.34 26.21
C GLY C 28 2.24 -24.72 27.61
N GLN C 29 3.00 -24.20 28.58
CA GLN C 29 2.87 -24.63 29.96
C GLN C 29 3.18 -23.44 30.87
N GLY C 30 2.53 -23.40 32.02
CA GLY C 30 2.70 -22.32 32.96
C GLY C 30 1.45 -21.46 33.08
N PRO C 31 1.60 -20.26 33.65
CA PRO C 31 0.45 -19.34 33.77
C PRO C 31 -0.16 -18.99 32.42
N LEU C 32 -1.47 -18.76 32.42
CA LEU C 32 -2.23 -18.58 31.19
C LEU C 32 -2.12 -17.16 30.65
N VAL C 33 -1.94 -17.06 29.32
CA VAL C 33 -2.06 -15.81 28.56
C VAL C 33 -3.07 -16.04 27.46
N MET C 34 -4.06 -15.16 27.37
CA MET C 34 -5.06 -15.23 26.29
C MET C 34 -4.80 -14.11 25.29
N LEU C 35 -4.77 -14.47 24.01
CA LEU C 35 -4.51 -13.54 22.92
C LEU C 35 -5.78 -13.41 22.07
N VAL C 36 -6.30 -12.19 21.94
CA VAL C 36 -7.59 -11.97 21.30
C VAL C 36 -7.38 -11.09 20.07
N HIS C 37 -7.65 -11.65 18.90
CA HIS C 37 -7.45 -11.01 17.62
C HIS C 37 -8.52 -9.94 17.37
N GLY C 38 -8.39 -9.25 16.22
CA GLY C 38 -9.34 -8.22 15.83
C GLY C 38 -10.02 -8.41 14.49
N PHE C 39 -10.58 -7.33 13.94
CA PHE C 39 -11.37 -7.41 12.71
C PHE C 39 -10.51 -7.80 11.51
N GLY C 40 -11.10 -8.59 10.61
CA GLY C 40 -10.40 -9.06 9.45
C GLY C 40 -9.46 -10.24 9.69
N GLN C 41 -9.25 -10.62 10.94
CA GLN C 41 -8.31 -11.71 11.20
C GLN C 41 -8.91 -12.76 12.12
N THR C 42 -8.04 -13.61 12.65
CA THR C 42 -8.43 -14.75 13.48
C THR C 42 -7.31 -14.96 14.51
N TRP C 43 -7.39 -16.07 15.24
CA TRP C 43 -6.29 -16.45 16.13
C TRP C 43 -4.94 -16.42 15.40
N TYR C 44 -4.95 -16.68 14.10
CA TYR C 44 -3.71 -16.86 13.34
C TYR C 44 -2.81 -15.63 13.36
N GLU C 45 -3.34 -14.44 13.67
CA GLU C 45 -2.43 -13.28 13.67
C GLU C 45 -1.37 -13.42 14.75
N TRP C 46 -1.62 -14.22 15.78
CA TRP C 46 -0.73 -14.47 16.90
C TRP C 46 0.26 -15.61 16.64
N HIS C 47 0.22 -16.25 15.47
CA HIS C 47 0.90 -17.55 15.34
C HIS C 47 2.41 -17.44 15.40
N GLN C 48 3.00 -16.26 15.17
CA GLN C 48 4.44 -16.13 15.36
C GLN C 48 4.81 -15.80 16.79
N LEU C 49 3.95 -15.06 17.49
CA LEU C 49 4.17 -14.78 18.90
C LEU C 49 3.92 -16.01 19.77
N MET C 50 3.01 -16.89 19.36
CA MET C 50 2.58 -17.98 20.23
C MET C 50 3.72 -18.93 20.62
N PRO C 51 4.57 -19.41 19.70
CA PRO C 51 5.63 -20.35 20.13
C PRO C 51 6.61 -19.75 21.11
N GLU C 52 6.89 -18.45 20.98
CA GLU C 52 7.82 -17.81 21.91
C GLU C 52 7.21 -17.67 23.29
N LEU C 53 5.93 -17.30 23.38
CA LEU C 53 5.25 -17.19 24.67
C LEU C 53 5.08 -18.54 25.32
N ALA C 54 4.86 -19.58 24.52
CA ALA C 54 4.61 -20.90 25.06
C ALA C 54 5.82 -21.49 25.77
N LYS C 55 7.01 -20.91 25.55
CA LYS C 55 8.19 -21.35 26.29
C LYS C 55 8.06 -21.06 27.78
N ARG C 56 7.22 -20.10 28.17
CA ARG C 56 7.05 -19.79 29.58
C ARG C 56 5.60 -19.64 30.03
N PHE C 57 4.62 -19.65 29.13
CA PHE C 57 3.21 -19.54 29.49
C PHE C 57 2.40 -20.64 28.82
N THR C 58 1.23 -20.92 29.40
CA THR C 58 0.17 -21.59 28.65
C THR C 58 -0.53 -20.54 27.80
N VAL C 59 -0.59 -20.75 26.49
CA VAL C 59 -1.10 -19.74 25.55
C VAL C 59 -2.39 -20.24 24.92
N ILE C 60 -3.45 -19.44 25.01
CA ILE C 60 -4.71 -19.73 24.34
CA ILE C 60 -4.72 -19.73 24.35
C ILE C 60 -5.07 -18.56 23.43
N ALA C 61 -5.55 -18.87 22.24
CA ALA C 61 -5.86 -17.87 21.23
C ALA C 61 -7.17 -18.27 20.58
N PRO C 62 -8.27 -17.73 21.08
CA PRO C 62 -9.58 -18.09 20.54
C PRO C 62 -9.92 -17.29 19.29
N ASP C 63 -10.85 -17.82 18.51
CA ASP C 63 -11.54 -17.04 17.49
C ASP C 63 -12.73 -16.34 18.13
N LEU C 64 -12.86 -15.03 17.90
CA LEU C 64 -14.00 -14.27 18.40
C LEU C 64 -15.29 -14.90 17.91
N PRO C 65 -16.37 -14.81 18.69
CA PRO C 65 -17.64 -15.43 18.30
C PRO C 65 -18.07 -14.99 16.90
N GLY C 66 -18.38 -15.98 16.07
CA GLY C 66 -18.81 -15.75 14.71
C GLY C 66 -17.67 -15.65 13.71
N LEU C 67 -16.47 -15.37 14.18
CA LEU C 67 -15.30 -15.25 13.31
C LEU C 67 -14.47 -16.53 13.40
N GLY C 68 -13.60 -16.69 12.41
CA GLY C 68 -12.79 -17.90 12.36
C GLY C 68 -13.67 -19.12 12.41
N GLN C 69 -13.35 -20.05 13.32
CA GLN C 69 -14.15 -21.26 13.48
C GLN C 69 -15.04 -21.22 14.72
N SER C 70 -15.30 -20.05 15.29
CA SER C 70 -16.17 -19.92 16.45
C SER C 70 -17.61 -19.63 16.05
N GLU C 71 -18.55 -20.23 16.77
CA GLU C 71 -19.96 -19.98 16.52
C GLU C 71 -20.34 -18.55 16.90
N PRO C 72 -21.38 -18.00 16.28
CA PRO C 72 -21.83 -16.64 16.65
C PRO C 72 -22.31 -16.59 18.07
N PRO C 73 -22.33 -15.41 18.68
CA PRO C 73 -22.82 -15.31 20.06
C PRO C 73 -24.33 -15.49 20.09
N LYS C 74 -24.82 -16.00 21.21
CA LYS C 74 -26.25 -16.16 21.39
C LYS C 74 -26.90 -14.94 22.04
N THR C 75 -26.15 -14.19 22.84
CA THR C 75 -26.72 -13.02 23.49
C THR C 75 -26.69 -11.80 22.56
N GLY C 76 -25.49 -11.37 22.18
CA GLY C 76 -25.35 -10.26 21.27
C GLY C 76 -23.87 -9.95 21.05
N TYR C 77 -23.62 -8.85 20.34
CA TYR C 77 -22.26 -8.51 19.91
C TYR C 77 -21.67 -7.32 20.65
N SER C 78 -22.36 -6.79 21.66
CA SER C 78 -21.79 -5.68 22.40
C SER C 78 -20.60 -6.16 23.23
N GLY C 79 -19.78 -5.21 23.67
CA GLY C 79 -18.56 -5.58 24.37
C GLY C 79 -18.82 -6.41 25.62
N GLU C 80 -19.82 -6.02 26.40
CA GLU C 80 -20.09 -6.70 27.66
C GLU C 80 -20.62 -8.11 27.41
N GLN C 81 -21.42 -8.30 26.35
CA GLN C 81 -21.94 -9.63 26.06
C GLN C 81 -20.82 -10.57 25.57
N VAL C 82 -19.99 -10.09 24.65
CA VAL C 82 -18.92 -10.94 24.15
C VAL C 82 -17.87 -11.19 25.22
N ALA C 83 -17.60 -10.21 26.08
CA ALA C 83 -16.56 -10.40 27.10
C ALA C 83 -16.92 -11.51 28.08
N VAL C 84 -18.22 -11.76 28.31
CA VAL C 84 -18.61 -12.89 29.15
C VAL C 84 -18.08 -14.20 28.58
N TYR C 85 -18.20 -14.38 27.26
CA TYR C 85 -17.73 -15.61 26.65
C TYR C 85 -16.23 -15.79 26.86
N LEU C 86 -15.47 -14.72 26.61
CA LEU C 86 -14.03 -14.83 26.66
C LEU C 86 -13.53 -15.00 28.10
N HIS C 87 -14.16 -14.32 29.05
CA HIS C 87 -13.79 -14.49 30.46
C HIS C 87 -14.05 -15.94 30.91
N LYS C 88 -15.22 -16.46 30.59
CA LYS C 88 -15.52 -17.83 31.00
C LYS C 88 -14.57 -18.83 30.34
N LEU C 89 -14.24 -18.61 29.06
CA LEU C 89 -13.30 -19.50 28.39
C LEU C 89 -11.96 -19.51 29.11
N ALA C 90 -11.40 -18.31 29.35
CA ALA C 90 -10.13 -18.22 30.06
C ALA C 90 -10.22 -18.93 31.40
N ARG C 91 -11.31 -18.70 32.13
CA ARG C 91 -11.41 -19.26 33.48
C ARG C 91 -11.55 -20.78 33.49
N GLN C 92 -11.99 -21.40 32.39
CA GLN C 92 -11.95 -22.86 32.32
C GLN C 92 -10.52 -23.39 32.47
N PHE C 93 -9.55 -22.64 31.96
CA PHE C 93 -8.17 -23.09 31.96
C PHE C 93 -7.32 -22.48 33.07
N SER C 94 -7.77 -21.38 33.65
CA SER C 94 -7.13 -20.76 34.81
C SER C 94 -8.21 -20.45 35.86
N PRO C 95 -8.80 -21.49 36.47
CA PRO C 95 -9.94 -21.26 37.37
C PRO C 95 -9.56 -20.63 38.70
N ASP C 96 -8.33 -20.78 39.18
CA ASP C 96 -8.00 -20.23 40.48
C ASP C 96 -6.66 -19.50 40.46
N ARG C 97 -6.32 -18.88 39.33
CA ARG C 97 -5.18 -17.99 39.22
C ARG C 97 -5.54 -16.90 38.23
N PRO C 98 -5.02 -15.69 38.40
CA PRO C 98 -5.21 -14.66 37.37
C PRO C 98 -4.50 -15.05 36.08
N PHE C 99 -5.01 -14.55 34.96
CA PHE C 99 -4.38 -14.79 33.67
C PHE C 99 -4.00 -13.46 33.02
N ASP C 100 -3.11 -13.54 32.04
CA ASP C 100 -2.72 -12.36 31.25
C ASP C 100 -3.57 -12.27 29.99
N LEU C 101 -3.70 -11.03 29.49
CA LEU C 101 -4.57 -10.75 28.35
C LEU C 101 -3.84 -9.84 27.37
N VAL C 102 -3.85 -10.24 26.10
CA VAL C 102 -3.32 -9.46 24.99
C VAL C 102 -4.44 -9.36 23.96
N ALA C 103 -4.76 -8.14 23.54
CA ALA C 103 -5.87 -7.95 22.60
C ALA C 103 -5.51 -6.89 21.57
N HIS C 104 -6.07 -7.04 20.38
CA HIS C 104 -5.75 -6.22 19.22
C HIS C 104 -7.07 -5.78 18.58
N ASP C 105 -7.19 -4.49 18.26
CA ASP C 105 -8.35 -4.00 17.50
C ASP C 105 -9.62 -4.32 18.29
N ILE C 106 -10.66 -4.89 17.67
CA ILE C 106 -11.90 -5.11 18.40
C ILE C 106 -11.76 -6.15 19.49
N GLY C 107 -10.62 -6.86 19.56
CA GLY C 107 -10.35 -7.69 20.73
C GLY C 107 -10.34 -6.87 22.01
N ILE C 108 -9.99 -5.59 21.91
CA ILE C 108 -10.08 -4.68 23.05
C ILE C 108 -11.52 -4.44 23.44
N TRP C 109 -12.37 -4.12 22.44
CA TRP C 109 -13.79 -3.89 22.70
C TRP C 109 -14.42 -5.06 23.44
N ASN C 110 -13.99 -6.28 23.09
CA ASN C 110 -14.64 -7.49 23.58
C ASN C 110 -13.98 -8.03 24.84
N THR C 111 -12.99 -7.32 25.40
CA THR C 111 -12.36 -7.78 26.63
C THR C 111 -12.39 -6.71 27.72
N TYR C 112 -12.35 -5.42 27.35
CA TYR C 112 -12.37 -4.37 28.36
C TYR C 112 -13.46 -4.57 29.43
N PRO C 113 -14.71 -4.88 29.10
CA PRO C 113 -15.72 -5.03 30.16
C PRO C 113 -15.41 -6.16 31.12
N MET C 114 -14.87 -7.29 30.64
CA MET C 114 -14.61 -8.36 31.61
C MET C 114 -13.38 -8.05 32.46
N VAL C 115 -12.48 -7.21 31.94
CA VAL C 115 -11.32 -6.79 32.72
C VAL C 115 -11.76 -5.91 33.88
N VAL C 116 -12.56 -4.88 33.60
CA VAL C 116 -12.92 -3.95 34.65
C VAL C 116 -13.86 -4.60 35.67
N LYS C 117 -14.67 -5.56 35.23
CA LYS C 117 -15.60 -6.22 36.15
C LYS C 117 -14.97 -7.37 36.92
N ASN C 118 -13.79 -7.84 36.53
CA ASN C 118 -13.12 -8.97 37.18
C ASN C 118 -11.63 -8.68 37.34
N GLN C 119 -11.30 -7.55 37.96
CA GLN C 119 -9.91 -7.08 37.92
C GLN C 119 -8.96 -8.06 38.60
N ALA C 120 -9.44 -8.83 39.56
CA ALA C 120 -8.59 -9.79 40.24
C ALA C 120 -8.23 -10.99 39.37
N ASP C 121 -8.96 -11.24 38.28
CA ASP C 121 -8.65 -12.35 37.39
C ASP C 121 -7.60 -12.00 36.34
N ILE C 122 -7.28 -10.72 36.15
CA ILE C 122 -6.38 -10.25 35.11
C ILE C 122 -5.06 -9.85 35.76
N ALA C 123 -4.00 -10.62 35.50
CA ALA C 123 -2.71 -10.32 36.11
C ALA C 123 -2.03 -9.15 35.40
N ARG C 124 -1.89 -9.22 34.08
CA ARG C 124 -1.28 -8.17 33.27
C ARG C 124 -2.05 -8.04 31.96
N LEU C 125 -2.01 -6.85 31.37
CA LEU C 125 -2.87 -6.49 30.25
C LEU C 125 -2.07 -5.78 29.16
N VAL C 126 -2.21 -6.22 27.92
CA VAL C 126 -1.58 -5.57 26.77
C VAL C 126 -2.66 -5.27 25.73
N TYR C 127 -2.80 -4.00 25.38
CA TYR C 127 -3.82 -3.56 24.43
C TYR C 127 -3.11 -2.90 23.25
N MET C 128 -3.53 -3.24 22.02
CA MET C 128 -2.88 -2.63 20.86
C MET C 128 -3.89 -2.29 19.76
N GLN C 129 -3.78 -1.06 19.25
CA GLN C 129 -4.45 -0.62 18.01
C GLN C 129 -5.98 -0.74 18.08
N ALA C 130 -6.56 -0.10 19.08
CA ALA C 130 -7.96 0.24 19.02
C ALA C 130 -8.34 1.17 20.15
N PRO C 131 -9.25 2.11 19.92
CA PRO C 131 -9.81 2.86 21.03
C PRO C 131 -10.72 1.97 21.86
N ILE C 132 -10.64 2.12 23.18
CA ILE C 132 -11.73 1.59 23.99
C ILE C 132 -13.00 2.36 23.66
N PRO C 133 -14.13 1.69 23.36
CA PRO C 133 -15.31 2.44 22.92
C PRO C 133 -15.82 3.43 23.98
N ASP C 134 -15.72 4.72 23.66
CA ASP C 134 -16.29 5.77 24.48
C ASP C 134 -16.60 6.95 23.57
N ALA C 135 -17.02 8.07 24.18
CA ALA C 135 -17.49 9.21 23.41
C ALA C 135 -16.40 9.85 22.57
N ARG C 136 -15.12 9.58 22.85
CA ARG C 136 -14.04 10.09 22.01
C ARG C 136 -14.21 9.65 20.56
N ILE C 137 -14.81 8.48 20.31
CA ILE C 137 -14.90 8.01 18.94
C ILE C 137 -15.85 8.86 18.10
N TYR C 138 -16.70 9.67 18.74
CA TYR C 138 -17.62 10.54 18.02
C TYR C 138 -16.98 11.82 17.52
N ARG C 139 -15.68 12.03 17.75
CA ARG C 139 -15.00 13.21 17.23
C ARG C 139 -13.99 12.89 16.14
N PHE C 140 -13.61 11.61 15.96
CA PHE C 140 -12.68 11.25 14.89
C PHE C 140 -13.21 11.73 13.54
N PRO C 141 -12.41 12.42 12.73
CA PRO C 141 -12.91 12.93 11.45
C PRO C 141 -13.21 11.82 10.46
N ALA C 142 -14.24 12.07 9.64
CA ALA C 142 -14.60 11.21 8.53
C ALA C 142 -13.59 11.29 7.39
N PHE C 143 -12.91 12.43 7.23
CA PHE C 143 -12.13 12.70 6.03
C PHE C 143 -10.92 13.54 6.41
N THR C 144 -9.75 13.20 5.87
CA THR C 144 -8.50 13.85 6.26
C THR C 144 -7.85 14.52 5.05
N ALA C 145 -6.99 15.50 5.34
CA ALA C 145 -6.30 16.23 4.27
C ALA C 145 -5.26 15.36 3.58
N GLN C 146 -4.67 14.40 4.28
CA GLN C 146 -3.75 13.47 3.66
C GLN C 146 -3.77 12.17 4.44
N GLY C 147 -3.23 11.13 3.83
CA GLY C 147 -3.60 9.81 4.31
C GLY C 147 -5.07 9.57 4.04
N GLU C 148 -5.67 8.70 4.85
CA GLU C 148 -7.11 8.46 4.78
C GLU C 148 -7.62 8.41 6.20
N SER C 149 -8.91 8.69 6.36
CA SER C 149 -9.49 8.49 7.68
C SER C 149 -9.38 7.02 8.07
N LEU C 150 -8.88 6.77 9.27
CA LEU C 150 -8.76 5.40 9.73
C LEU C 150 -10.09 4.82 10.18
N VAL C 151 -11.11 5.65 10.37
CA VAL C 151 -12.28 5.27 11.16
C VAL C 151 -13.58 5.38 10.39
N TRP C 152 -13.55 5.72 9.10
CA TRP C 152 -14.79 5.79 8.37
C TRP C 152 -15.45 4.42 8.24
N HIS C 153 -14.68 3.34 8.40
CA HIS C 153 -15.28 2.01 8.34
C HIS C 153 -16.27 1.79 9.48
N PHE C 154 -16.11 2.51 10.61
CA PHE C 154 -17.14 2.44 11.67
C PHE C 154 -18.53 2.63 11.08
N SER C 155 -18.73 3.71 10.33
CA SER C 155 -20.07 3.98 9.80
C SER C 155 -20.45 2.96 8.74
N PHE C 156 -19.51 2.62 7.86
CA PHE C 156 -19.78 1.64 6.81
C PHE C 156 -20.24 0.32 7.42
N PHE C 157 -19.55 -0.13 8.45
CA PHE C 157 -19.88 -1.41 9.05
C PHE C 157 -21.11 -1.34 9.93
N ALA C 158 -21.41 -0.17 10.52
CA ALA C 158 -22.60 -0.06 11.36
C ALA C 158 -23.85 0.28 10.57
N ALA C 159 -23.74 0.59 9.28
CA ALA C 159 -24.89 1.03 8.50
C ALA C 159 -25.98 -0.04 8.50
N ASP C 160 -27.23 0.39 8.49
CA ASP C 160 -28.31 -0.58 8.65
C ASP C 160 -28.65 -1.21 7.29
N ASP C 161 -29.66 -2.07 7.28
CA ASP C 161 -30.08 -2.80 6.08
C ASP C 161 -28.95 -3.64 5.49
N ARG C 162 -28.04 -4.12 6.36
CA ARG C 162 -26.95 -5.02 5.96
C ARG C 162 -26.18 -4.45 4.77
N LEU C 163 -25.98 -3.14 4.78
CA LEU C 163 -25.29 -2.49 3.66
C LEU C 163 -23.94 -3.16 3.39
N ALA C 164 -23.12 -3.34 4.42
CA ALA C 164 -21.77 -3.84 4.21
C ALA C 164 -21.76 -5.25 3.64
N GLU C 165 -22.51 -6.18 4.26
CA GLU C 165 -22.54 -7.55 3.74
C GLU C 165 -23.08 -7.59 2.32
N THR C 166 -24.05 -6.72 2.03
CA THR C 166 -24.66 -6.76 0.71
C THR C 166 -23.67 -6.29 -0.36
N LEU C 167 -22.87 -5.26 -0.05
CA LEU C 167 -21.90 -4.78 -1.04
C LEU C 167 -20.68 -5.68 -1.14
N ILE C 168 -20.27 -6.29 -0.04
CA ILE C 168 -18.99 -6.99 -0.01
C ILE C 168 -19.11 -8.45 -0.45
N ALA C 169 -20.29 -9.05 -0.29
CA ALA C 169 -20.51 -10.42 -0.73
C ALA C 169 -20.06 -10.61 -2.18
N GLY C 170 -19.31 -11.67 -2.43
CA GLY C 170 -18.71 -11.88 -3.74
C GLY C 170 -17.45 -11.09 -3.98
N LYS C 171 -17.10 -10.15 -3.11
CA LYS C 171 -15.90 -9.34 -3.28
C LYS C 171 -15.03 -9.37 -2.03
N GLU C 172 -15.15 -10.42 -1.21
CA GLU C 172 -14.52 -10.43 0.10
C GLU C 172 -13.01 -10.39 -0.01
N ARG C 173 -12.45 -11.10 -0.99
CA ARG C 173 -10.99 -11.19 -1.09
C ARG C 173 -10.41 -9.84 -1.53
N PHE C 174 -11.07 -9.18 -2.49
CA PHE C 174 -10.71 -7.83 -2.90
C PHE C 174 -10.80 -6.85 -1.73
N PHE C 175 -11.92 -6.87 -1.00
CA PHE C 175 -12.11 -5.90 0.07
C PHE C 175 -11.07 -6.09 1.17
N LEU C 176 -10.77 -7.34 1.50
CA LEU C 176 -9.84 -7.61 2.60
C LEU C 176 -8.45 -7.12 2.26
N GLU C 177 -7.99 -7.35 1.03
CA GLU C 177 -6.68 -6.83 0.66
C GLU C 177 -6.67 -5.30 0.73
N HIS C 178 -7.78 -4.67 0.32
CA HIS C 178 -7.82 -3.22 0.37
C HIS C 178 -7.71 -2.70 1.80
N PHE C 179 -8.57 -3.21 2.71
CA PHE C 179 -8.58 -2.56 4.02
C PHE C 179 -7.39 -2.95 4.87
N ILE C 180 -6.80 -4.13 4.64
CA ILE C 180 -5.57 -4.44 5.37
C ILE C 180 -4.45 -3.54 4.91
N LYS C 181 -4.23 -3.47 3.60
CA LYS C 181 -3.11 -2.67 3.12
C LYS C 181 -3.33 -1.17 3.34
N SER C 182 -4.59 -0.70 3.26
CA SER C 182 -4.81 0.73 3.50
C SER C 182 -4.56 1.11 4.96
N HIS C 183 -4.59 0.15 5.89
CA HIS C 183 -4.28 0.38 7.28
C HIS C 183 -2.86 -0.04 7.64
N ALA C 184 -2.01 -0.29 6.65
CA ALA C 184 -0.66 -0.80 6.88
C ALA C 184 0.38 0.23 6.47
N SER C 185 1.52 0.19 7.17
CA SER C 185 2.74 0.88 6.77
C SER C 185 3.67 -0.06 6.00
N ASN C 186 3.86 -1.27 6.50
CA ASN C 186 4.71 -2.28 5.89
C ASN C 186 3.80 -3.26 5.14
N THR C 187 3.33 -2.83 3.98
CA THR C 187 2.33 -3.60 3.24
C THR C 187 2.91 -4.89 2.68
N GLU C 188 4.23 -4.96 2.51
CA GLU C 188 4.84 -6.08 1.81
C GLU C 188 4.75 -7.40 2.57
N VAL C 189 4.37 -7.39 3.85
CA VAL C 189 4.18 -8.64 4.57
C VAL C 189 2.88 -9.33 4.22
N PHE C 190 1.95 -8.63 3.58
CA PHE C 190 0.67 -9.25 3.24
C PHE C 190 0.76 -9.83 1.83
N SER C 191 1.39 -11.00 1.77
CA SER C 191 1.49 -11.77 0.54
C SER C 191 0.10 -12.21 0.11
N GLU C 192 -0.06 -12.47 -1.19
CA GLU C 192 -1.33 -12.96 -1.69
C GLU C 192 -1.74 -14.23 -0.95
N ARG C 193 -0.75 -15.07 -0.62
CA ARG C 193 -1.02 -16.32 0.09
C ARG C 193 -1.67 -16.07 1.46
N LEU C 194 -1.10 -15.14 2.22
CA LEU C 194 -1.67 -14.83 3.53
C LEU C 194 -3.06 -14.20 3.38
N LEU C 195 -3.22 -13.28 2.44
CA LEU C 195 -4.52 -12.66 2.22
C LEU C 195 -5.56 -13.69 1.82
N ASP C 196 -5.18 -14.69 1.00
CA ASP C 196 -6.10 -15.76 0.66
C ASP C 196 -6.63 -16.44 1.92
N LEU C 197 -5.73 -16.77 2.86
CA LEU C 197 -6.13 -17.46 4.09
C LEU C 197 -7.14 -16.66 4.89
N TYR C 198 -6.86 -15.39 5.12
CA TYR C 198 -7.77 -14.56 5.90
C TYR C 198 -9.09 -14.34 5.17
N ALA C 199 -9.05 -14.18 3.84
CA ALA C 199 -10.29 -13.91 3.13
C ALA C 199 -11.17 -15.15 3.10
N ARG C 200 -10.56 -16.33 2.93
CA ARG C 200 -11.34 -17.57 2.97
C ARG C 200 -12.14 -17.69 4.26
N SER C 201 -11.57 -17.23 5.37
CA SER C 201 -12.23 -17.39 6.65
C SER C 201 -13.36 -16.38 6.83
N TYR C 202 -13.09 -15.11 6.58
CA TYR C 202 -14.15 -14.15 6.85
C TYR C 202 -15.19 -14.07 5.72
N ALA C 203 -14.95 -14.74 4.59
CA ALA C 203 -15.99 -14.82 3.57
C ALA C 203 -17.08 -15.83 3.89
N LYS C 204 -16.96 -16.60 4.96
CA LYS C 204 -18.08 -17.44 5.39
C LYS C 204 -19.26 -16.54 5.71
N PRO C 205 -20.45 -16.77 5.11
CA PRO C 205 -21.54 -15.80 5.26
C PRO C 205 -21.85 -15.41 6.70
N HIS C 206 -21.86 -16.37 7.64
CA HIS C 206 -22.08 -16.00 9.03
C HIS C 206 -20.89 -15.23 9.60
N SER C 207 -19.69 -15.43 9.05
CA SER C 207 -18.54 -14.67 9.56
C SER C 207 -18.50 -13.27 8.98
N LEU C 208 -18.89 -13.10 7.70
CA LEU C 208 -19.02 -11.76 7.15
C LEU C 208 -20.02 -10.94 7.96
N ASN C 209 -21.19 -11.53 8.25
CA ASN C 209 -22.20 -10.80 9.03
C ASN C 209 -21.71 -10.55 10.45
N ALA C 210 -21.17 -11.59 11.10
CA ALA C 210 -20.63 -11.40 12.46
C ALA C 210 -19.65 -10.24 12.53
N SER C 211 -18.74 -10.15 11.55
CA SER C 211 -17.73 -9.09 11.52
C SER C 211 -18.37 -7.72 11.69
N PHE C 212 -19.50 -7.49 11.03
CA PHE C 212 -20.12 -6.18 11.05
C PHE C 212 -21.06 -5.97 12.23
N GLU C 213 -21.55 -7.07 12.83
CA GLU C 213 -22.40 -6.94 14.01
C GLU C 213 -21.65 -6.31 15.18
N TYR C 214 -20.33 -6.50 15.24
CA TYR C 214 -19.56 -5.86 16.31
C TYR C 214 -19.65 -4.34 16.22
N TYR C 215 -19.66 -3.81 15.00
CA TYR C 215 -19.78 -2.37 14.78
C TYR C 215 -21.20 -1.89 14.96
N ARG C 216 -22.18 -2.72 14.63
CA ARG C 216 -23.57 -2.37 14.89
C ARG C 216 -23.87 -2.29 16.39
N ALA C 217 -23.07 -2.95 17.21
CA ALA C 217 -23.21 -2.89 18.65
C ALA C 217 -22.29 -1.86 19.29
N LEU C 218 -21.50 -1.13 18.49
CA LEU C 218 -20.50 -0.22 19.05
C LEU C 218 -21.14 0.85 19.92
N ASN C 219 -22.25 1.44 19.47
CA ASN C 219 -22.87 2.49 20.28
C ASN C 219 -23.38 1.93 21.61
N GLU C 220 -23.94 0.71 21.60
CA GLU C 220 -24.28 0.05 22.85
C GLU C 220 -23.06 -0.15 23.74
N SER C 221 -21.93 -0.54 23.12
CA SER C 221 -20.68 -0.74 23.86
C SER C 221 -20.19 0.57 24.48
N VAL C 222 -20.31 1.68 23.74
CA VAL C 222 -20.00 2.98 24.31
C VAL C 222 -20.84 3.25 25.54
N ARG C 223 -22.15 2.97 25.46
CA ARG C 223 -23.00 3.25 26.62
C ARG C 223 -22.70 2.30 27.78
N GLN C 224 -22.33 1.05 27.50
CA GLN C 224 -21.94 0.16 28.58
C GLN C 224 -20.68 0.67 29.28
N ASN C 225 -19.69 1.09 28.50
CA ASN C 225 -18.41 1.51 29.07
C ASN C 225 -18.52 2.81 29.84
N ALA C 226 -19.51 3.65 29.51
CA ALA C 226 -19.75 4.87 30.27
C ALA C 226 -20.03 4.55 31.74
N GLU C 227 -20.73 3.46 32.02
CA GLU C 227 -20.92 3.03 33.39
C GLU C 227 -19.70 2.32 33.94
N LEU C 228 -19.10 1.41 33.16
CA LEU C 228 -17.99 0.62 33.68
C LEU C 228 -16.77 1.48 34.00
N ALA C 229 -16.50 2.51 33.20
CA ALA C 229 -15.26 3.27 33.34
C ALA C 229 -15.19 4.11 34.62
N LYS C 230 -16.23 4.10 35.44
CA LYS C 230 -16.15 4.76 36.75
C LYS C 230 -15.13 4.10 37.68
N THR C 231 -14.63 2.92 37.32
CA THR C 231 -13.58 2.23 38.07
C THR C 231 -12.36 2.12 37.15
N ARG C 232 -11.22 2.67 37.58
CA ARG C 232 -10.01 2.57 36.80
C ARG C 232 -9.35 1.20 36.98
N LEU C 233 -8.64 0.75 35.94
CA LEU C 233 -7.95 -0.52 35.98
C LEU C 233 -6.72 -0.42 36.88
N GLN C 234 -6.52 -1.43 37.72
CA GLN C 234 -5.44 -1.43 38.71
C GLN C 234 -4.24 -2.27 38.34
N MET C 235 -4.37 -3.17 37.36
CA MET C 235 -3.26 -4.08 37.08
C MET C 235 -2.30 -3.46 36.09
N PRO C 236 -1.04 -3.92 36.07
CA PRO C 236 -0.07 -3.37 35.10
C PRO C 236 -0.56 -3.56 33.67
N THR C 237 -0.50 -2.47 32.90
CA THR C 237 -1.02 -2.41 31.53
CA THR C 237 -0.96 -2.51 31.52
C THR C 237 0.08 -1.89 30.61
N MET C 238 0.12 -2.41 29.38
CA MET C 238 0.98 -1.87 28.33
C MET C 238 0.13 -1.60 27.10
N THR C 239 0.33 -0.45 26.47
CA THR C 239 -0.31 -0.18 25.18
C THR C 239 0.75 -0.20 24.08
N LEU C 240 0.37 -0.72 22.92
CA LEU C 240 1.20 -0.63 21.74
C LEU C 240 0.39 -0.01 20.62
N ALA C 241 1.04 0.83 19.83
CA ALA C 241 0.41 1.44 18.67
C ALA C 241 1.46 1.59 17.58
N GLY C 242 1.01 1.55 16.32
CA GLY C 242 1.90 1.89 15.22
C GLY C 242 2.08 3.39 15.09
N GLY C 243 3.28 3.78 14.64
CA GLY C 243 3.57 5.17 14.38
C GLY C 243 3.49 5.49 12.89
N GLY C 244 3.37 4.46 12.05
CA GLY C 244 3.32 4.62 10.62
C GLY C 244 1.90 4.75 10.09
N HIS C 245 1.78 4.66 8.77
CA HIS C 245 0.47 4.75 8.12
C HIS C 245 -0.48 3.69 8.67
N GLY C 246 -1.65 4.11 9.14
CA GLY C 246 -2.59 3.21 9.79
C GLY C 246 -2.42 3.09 11.29
N GLY C 247 -1.34 3.63 11.86
CA GLY C 247 -1.13 3.53 13.28
C GLY C 247 -1.92 4.56 14.05
N MET C 248 -2.21 4.26 15.32
CA MET C 248 -2.92 5.21 16.16
C MET C 248 -2.00 6.18 16.88
N GLY C 249 -0.69 5.98 16.80
CA GLY C 249 0.23 6.96 17.37
C GLY C 249 0.02 7.11 18.86
N THR C 250 0.10 8.37 19.32
CA THR C 250 0.02 8.61 20.76
C THR C 250 -1.39 8.43 21.32
N PHE C 251 -2.41 8.27 20.48
CA PHE C 251 -3.78 8.21 21.02
C PHE C 251 -3.96 7.02 21.94
N GLN C 252 -3.33 5.90 21.61
CA GLN C 252 -3.56 4.67 22.35
C GLN C 252 -3.19 4.85 23.81
N LEU C 253 -1.96 5.30 24.08
CA LEU C 253 -1.52 5.53 25.46
C LEU C 253 -2.31 6.65 26.11
N GLU C 254 -2.54 7.75 25.39
CA GLU C 254 -3.22 8.89 25.99
C GLU C 254 -4.63 8.53 26.44
N GLN C 255 -5.36 7.73 25.65
CA GLN C 255 -6.69 7.30 26.09
C GLN C 255 -6.58 6.36 27.28
N MET C 256 -5.65 5.40 27.21
CA MET C 256 -5.52 4.41 28.27
C MET C 256 -5.18 5.05 29.60
N LYS C 257 -4.51 6.20 29.61
CA LYS C 257 -4.22 6.84 30.89
C LYS C 257 -5.48 7.26 31.63
N ALA C 258 -6.59 7.48 30.94
CA ALA C 258 -7.83 7.79 31.66
C ALA C 258 -8.53 6.54 32.17
N TYR C 259 -8.08 5.36 31.75
CA TYR C 259 -8.69 4.11 32.14
C TYR C 259 -7.85 3.28 33.11
N ALA C 260 -6.55 3.54 33.20
CA ALA C 260 -5.63 2.67 33.95
C ALA C 260 -4.72 3.48 34.85
N GLU C 261 -4.47 2.96 36.05
CA GLU C 261 -3.57 3.62 36.99
C GLU C 261 -2.11 3.34 36.69
N ASP C 262 -1.81 2.18 36.11
CA ASP C 262 -0.43 1.73 35.89
C ASP C 262 -0.30 1.35 34.41
N VAL C 263 0.19 2.27 33.58
CA VAL C 263 0.23 2.04 32.14
C VAL C 263 1.53 2.59 31.55
N GLU C 264 2.15 1.79 30.68
CA GLU C 264 3.28 2.22 29.88
C GLU C 264 2.91 2.02 28.41
N GLY C 265 3.29 2.97 27.56
CA GLY C 265 2.91 2.85 26.17
C GLY C 265 4.10 2.88 25.23
N HIS C 266 3.93 2.30 24.04
CA HIS C 266 4.98 2.35 23.02
C HIS C 266 4.34 2.63 21.67
N VAL C 267 5.00 3.47 20.88
CA VAL C 267 4.65 3.69 19.48
C VAL C 267 5.75 3.06 18.65
N LEU C 268 5.37 2.21 17.69
CA LEU C 268 6.36 1.47 16.94
C LEU C 268 6.58 2.18 15.60
N PRO C 269 7.76 2.74 15.35
CA PRO C 269 7.96 3.52 14.11
C PRO C 269 7.89 2.65 12.87
N GLY C 270 7.32 3.22 11.81
CA GLY C 270 7.23 2.52 10.53
C GLY C 270 6.31 1.33 10.54
N CYS C 271 5.37 1.28 11.47
CA CYS C 271 4.41 0.19 11.61
C CYS C 271 3.02 0.80 11.64
N GLY C 272 2.08 0.16 10.96
CA GLY C 272 0.72 0.64 10.91
C GLY C 272 -0.19 -0.12 11.87
N HIS C 273 -1.29 -0.66 11.35
CA HIS C 273 -2.28 -1.26 12.23
C HIS C 273 -1.91 -2.68 12.65
N TRP C 274 -1.29 -3.45 11.76
CA TRP C 274 -1.18 -4.91 11.93
C TRP C 274 0.17 -5.26 12.56
N LEU C 275 0.30 -4.87 13.84
CA LEU C 275 1.62 -4.95 14.48
C LEU C 275 2.21 -6.36 14.49
N PRO C 276 1.48 -7.42 14.79
CA PRO C 276 2.11 -8.76 14.84
C PRO C 276 2.76 -9.19 13.54
N GLU C 277 2.26 -8.68 12.42
CA GLU C 277 2.75 -9.03 11.09
C GLU C 277 3.71 -8.01 10.52
N GLU C 278 3.38 -6.72 10.64
CA GLU C 278 4.25 -5.68 10.09
C GLU C 278 5.53 -5.52 10.88
N CYS C 279 5.47 -5.70 12.19
CA CYS C 279 6.59 -5.42 13.08
C CYS C 279 6.72 -6.51 14.12
N ALA C 280 6.79 -7.77 13.64
CA ALA C 280 6.83 -8.93 14.51
C ALA C 280 7.97 -8.87 15.53
N ALA C 281 9.18 -8.57 15.07
CA ALA C 281 10.30 -8.65 16.00
C ALA C 281 10.17 -7.67 17.17
N PRO C 282 10.01 -6.36 16.96
CA PRO C 282 9.87 -5.48 18.12
C PRO C 282 8.58 -5.70 18.88
N MET C 283 7.49 -6.05 18.21
CA MET C 283 6.25 -6.25 18.96
C MET C 283 6.35 -7.48 19.85
N ASN C 284 6.82 -8.59 19.31
CA ASN C 284 6.95 -9.80 20.12
C ASN C 284 7.84 -9.54 21.33
N ARG C 285 8.96 -8.84 21.09
CA ARG C 285 9.89 -8.56 22.19
C ARG C 285 9.21 -7.75 23.28
N LEU C 286 8.48 -6.69 22.89
CA LEU C 286 7.80 -5.85 23.86
C LEU C 286 6.80 -6.66 24.68
N VAL C 287 6.04 -7.52 24.01
CA VAL C 287 5.01 -8.29 24.71
C VAL C 287 5.64 -9.32 25.64
N ILE C 288 6.67 -10.05 25.15
CA ILE C 288 7.31 -11.08 25.96
C ILE C 288 7.95 -10.47 27.21
N ASP C 289 8.68 -9.37 27.02
CA ASP C 289 9.35 -8.72 28.16
C ASP C 289 8.32 -8.22 29.17
N PHE C 290 7.25 -7.60 28.69
CA PHE C 290 6.28 -7.04 29.62
C PHE C 290 5.58 -8.14 30.41
N LEU C 291 5.20 -9.24 29.75
CA LEU C 291 4.54 -10.32 30.45
C LEU C 291 5.49 -11.09 31.36
N SER C 292 6.77 -11.14 31.00
CA SER C 292 7.74 -11.87 31.82
C SER C 292 8.19 -11.09 33.04
N ARG C 293 7.70 -9.88 33.26
CA ARG C 293 7.96 -9.23 34.54
C ARG C 293 7.21 -9.94 35.68
N GLY C 294 6.18 -10.74 35.36
CA GLY C 294 5.49 -11.52 36.35
C GLY C 294 5.74 -13.01 36.18
N ARG C 295 4.80 -13.80 36.75
CA ARG C 295 4.90 -15.26 36.76
C ARG C 295 5.19 -15.82 35.37
N HIS C 296 6.06 -16.81 35.29
CA HIS C 296 6.21 -17.61 34.07
C HIS C 296 7.04 -18.85 34.34
N HIS C 297 6.88 -19.84 33.47
CA HIS C 297 7.54 -21.15 33.52
C HIS C 297 8.99 -21.10 33.06
N ALA D 1 -33.22 8.15 -27.23
CA ALA D 1 -33.44 7.66 -25.88
C ALA D 1 -32.97 8.68 -24.84
N GLU D 2 -33.82 8.94 -23.86
CA GLU D 2 -33.51 9.84 -22.77
C GLU D 2 -33.54 9.06 -21.47
N GLU D 3 -32.58 9.34 -20.58
CA GLU D 3 -32.58 8.66 -19.29
C GLU D 3 -33.74 9.13 -18.42
N PHE D 4 -34.21 10.36 -18.60
CA PHE D 4 -35.28 10.87 -17.77
C PHE D 4 -36.29 11.61 -18.64
N PRO D 5 -37.55 11.68 -18.20
CA PRO D 5 -38.58 12.39 -18.98
C PRO D 5 -38.31 13.89 -19.04
N VAL D 6 -38.37 14.44 -20.23
CA VAL D 6 -38.16 15.87 -20.44
C VAL D 6 -39.48 16.59 -20.23
N PRO D 7 -39.53 17.64 -19.41
CA PRO D 7 -40.76 18.41 -19.26
C PRO D 7 -41.22 18.99 -20.59
N ASN D 8 -42.54 19.10 -20.74
CA ASN D 8 -43.11 19.67 -21.96
CA ASN D 8 -43.11 19.67 -21.96
C ASN D 8 -42.57 21.08 -22.19
N GLY D 9 -42.25 21.38 -23.44
CA GLY D 9 -41.69 22.66 -23.80
C GLY D 9 -40.19 22.80 -23.59
N PHE D 10 -39.52 21.78 -23.06
CA PHE D 10 -38.07 21.79 -22.91
C PHE D 10 -37.43 20.91 -23.97
N GLU D 11 -36.17 21.21 -24.28
CA GLU D 11 -35.40 20.41 -25.21
C GLU D 11 -34.20 19.79 -24.50
N SER D 12 -33.94 18.52 -24.81
CA SER D 12 -32.71 17.85 -24.45
C SER D 12 -31.74 17.99 -25.62
N ALA D 13 -30.53 18.44 -25.34
CA ALA D 13 -29.56 18.72 -26.40
C ALA D 13 -28.16 18.58 -25.85
N TYR D 14 -27.17 18.79 -26.74
CA TYR D 14 -25.76 18.59 -26.43
C TYR D 14 -24.93 19.73 -27.01
N ARG D 15 -23.87 20.09 -26.29
CA ARG D 15 -22.91 21.06 -26.80
C ARG D 15 -21.51 20.57 -26.48
N GLU D 16 -20.61 20.74 -27.44
CA GLU D 16 -19.20 20.50 -27.24
C GLU D 16 -18.59 21.70 -26.51
N VAL D 17 -17.92 21.43 -25.39
CA VAL D 17 -17.22 22.46 -24.63
C VAL D 17 -15.81 21.94 -24.37
N ASP D 18 -14.81 22.60 -24.94
CA ASP D 18 -13.42 22.19 -24.75
C ASP D 18 -13.23 20.70 -25.07
N GLY D 19 -13.84 20.25 -26.16
CA GLY D 19 -13.72 18.88 -26.60
C GLY D 19 -14.55 17.86 -25.84
N VAL D 20 -15.45 18.31 -24.98
CA VAL D 20 -16.25 17.42 -24.14
C VAL D 20 -17.72 17.68 -24.46
N LYS D 21 -18.45 16.60 -24.72
CA LYS D 21 -19.86 16.68 -25.13
C LYS D 21 -20.74 16.69 -23.89
N LEU D 22 -21.31 17.84 -23.56
CA LEU D 22 -22.17 17.98 -22.39
C LEU D 22 -23.63 17.89 -22.78
N HIS D 23 -24.40 17.12 -22.02
CA HIS D 23 -25.84 17.04 -22.18
C HIS D 23 -26.50 18.08 -21.30
N TYR D 24 -27.61 18.66 -21.78
CA TYR D 24 -28.38 19.58 -20.96
C TYR D 24 -29.84 19.56 -21.39
N VAL D 25 -30.70 20.06 -20.52
CA VAL D 25 -32.11 20.26 -20.83
C VAL D 25 -32.40 21.76 -20.66
N LYS D 26 -33.06 22.35 -21.66
CA LYS D 26 -33.17 23.80 -21.76
C LYS D 26 -34.59 24.21 -22.12
N GLY D 27 -35.07 25.29 -21.51
CA GLY D 27 -36.36 25.84 -21.88
C GLY D 27 -36.54 27.23 -21.32
N GLY D 28 -37.61 27.90 -21.77
CA GLY D 28 -37.98 29.20 -21.28
C GLY D 28 -37.38 30.35 -22.07
N GLN D 29 -37.68 31.56 -21.62
CA GLN D 29 -37.10 32.74 -22.23
C GLN D 29 -36.79 33.76 -21.15
N GLY D 30 -35.86 34.66 -21.48
CA GLY D 30 -35.42 35.68 -20.56
C GLY D 30 -33.98 35.43 -20.15
N PRO D 31 -33.52 36.12 -19.11
CA PRO D 31 -32.16 35.88 -18.63
C PRO D 31 -31.95 34.43 -18.21
N LEU D 32 -30.69 33.99 -18.30
CA LEU D 32 -30.37 32.58 -18.12
C LEU D 32 -30.18 32.25 -16.65
N VAL D 33 -30.71 31.09 -16.23
CA VAL D 33 -30.42 30.48 -14.94
CA VAL D 33 -30.39 30.49 -14.95
C VAL D 33 -29.91 29.06 -15.21
N MET D 34 -28.73 28.75 -14.71
CA MET D 34 -28.20 27.39 -14.82
C MET D 34 -28.37 26.67 -13.50
N LEU D 35 -28.91 25.45 -13.56
CA LEU D 35 -29.17 24.61 -12.40
C LEU D 35 -28.23 23.41 -12.46
N VAL D 36 -27.41 23.22 -11.43
CA VAL D 36 -26.37 22.20 -11.47
C VAL D 36 -26.60 21.16 -10.36
N HIS D 37 -26.86 19.92 -10.77
CA HIS D 37 -27.22 18.84 -9.85
C HIS D 37 -26.00 18.33 -9.09
N GLY D 38 -26.23 17.34 -8.23
CA GLY D 38 -25.20 16.74 -7.41
C GLY D 38 -25.07 15.24 -7.51
N PHE D 39 -24.35 14.65 -6.56
CA PHE D 39 -24.07 13.22 -6.58
C PHE D 39 -25.35 12.41 -6.50
N GLY D 40 -25.35 11.26 -7.17
CA GLY D 40 -26.47 10.34 -7.20
C GLY D 40 -27.56 10.72 -8.17
N GLN D 41 -27.48 11.88 -8.79
CA GLN D 41 -28.60 12.43 -9.53
C GLN D 41 -28.10 13.00 -10.84
N THR D 42 -28.99 13.70 -11.54
CA THR D 42 -28.77 14.24 -12.87
C THR D 42 -29.55 15.55 -12.99
N TRP D 43 -29.62 16.09 -14.21
CA TRP D 43 -30.46 17.27 -14.46
C TRP D 43 -31.86 17.07 -13.93
N TYR D 44 -32.33 15.82 -13.90
CA TYR D 44 -33.73 15.53 -13.61
C TYR D 44 -34.14 15.97 -12.21
N GLU D 45 -33.21 16.13 -11.27
CA GLU D 45 -33.63 16.55 -9.95
C GLU D 45 -34.29 17.92 -9.99
N TRP D 46 -34.03 18.70 -11.03
CA TRP D 46 -34.62 20.03 -11.20
C TRP D 46 -35.93 20.02 -11.98
N HIS D 47 -36.47 18.84 -12.32
CA HIS D 47 -37.55 18.84 -13.31
C HIS D 47 -38.84 19.48 -12.78
N GLN D 48 -39.02 19.57 -11.46
CA GLN D 48 -40.21 20.26 -10.96
C GLN D 48 -40.01 21.77 -10.89
N LEU D 49 -38.78 22.22 -10.64
CA LEU D 49 -38.52 23.65 -10.62
C LEU D 49 -38.48 24.24 -12.02
N MET D 50 -38.03 23.46 -13.00
CA MET D 50 -37.75 24.01 -14.33
C MET D 50 -38.98 24.64 -14.99
N PRO D 51 -40.15 24.00 -15.03
CA PRO D 51 -41.31 24.64 -15.68
C PRO D 51 -41.74 25.94 -15.03
N GLU D 52 -41.66 26.03 -13.69
CA GLU D 52 -42.05 27.27 -13.02
C GLU D 52 -41.03 28.37 -13.28
N LEU D 53 -39.74 28.05 -13.24
CA LEU D 53 -38.70 29.03 -13.52
C LEU D 53 -38.77 29.50 -14.97
N ALA D 54 -39.08 28.60 -15.88
CA ALA D 54 -39.13 28.93 -17.30
C ALA D 54 -40.20 29.97 -17.62
N LYS D 55 -41.08 30.30 -16.68
CA LYS D 55 -42.04 31.38 -16.90
C LYS D 55 -41.38 32.76 -16.90
N ARG D 56 -40.23 32.90 -16.26
CA ARG D 56 -39.54 34.19 -16.19
C ARG D 56 -38.10 34.16 -16.69
N PHE D 57 -37.52 32.98 -16.92
CA PHE D 57 -36.10 32.85 -17.26
C PHE D 57 -35.90 31.82 -18.35
N THR D 58 -34.77 31.92 -19.04
CA THR D 58 -34.23 30.79 -19.78
C THR D 58 -33.56 29.87 -18.77
N VAL D 59 -33.94 28.60 -18.77
CA VAL D 59 -33.44 27.65 -17.78
C VAL D 59 -32.62 26.58 -18.50
N ILE D 60 -31.41 26.31 -18.01
CA ILE D 60 -30.60 25.23 -18.53
C ILE D 60 -30.12 24.36 -17.37
N ALA D 61 -30.26 23.04 -17.54
CA ALA D 61 -29.91 22.07 -16.51
C ALA D 61 -28.95 21.04 -17.12
N PRO D 62 -27.65 21.21 -16.94
CA PRO D 62 -26.69 20.27 -17.54
C PRO D 62 -26.45 19.07 -16.64
N ASP D 63 -26.00 17.98 -17.26
CA ASP D 63 -25.47 16.85 -16.51
C ASP D 63 -23.99 17.11 -16.29
N LEU D 64 -23.53 16.94 -15.06
CA LEU D 64 -22.12 17.09 -14.76
C LEU D 64 -21.31 16.15 -15.65
N PRO D 65 -20.10 16.56 -16.05
CA PRO D 65 -19.26 15.70 -16.88
C PRO D 65 -19.18 14.28 -16.33
N GLY D 66 -19.43 13.31 -17.21
CA GLY D 66 -19.37 11.91 -16.85
C GLY D 66 -20.63 11.35 -16.26
N LEU D 67 -21.55 12.21 -15.82
CA LEU D 67 -22.80 11.80 -15.20
C LEU D 67 -23.96 12.06 -16.17
N GLY D 68 -25.10 11.42 -15.89
CA GLY D 68 -26.22 11.55 -16.81
C GLY D 68 -25.79 11.16 -18.21
N GLN D 69 -26.04 12.06 -19.17
CA GLN D 69 -25.67 11.80 -20.56
C GLN D 69 -24.49 12.64 -21.02
N SER D 70 -23.72 13.20 -20.08
CA SER D 70 -22.56 14.03 -20.42
C SER D 70 -21.28 13.19 -20.43
N GLU D 71 -20.42 13.48 -21.41
CA GLU D 71 -19.12 12.82 -21.54
C GLU D 71 -18.20 13.20 -20.37
N PRO D 72 -17.35 12.30 -19.92
CA PRO D 72 -16.41 12.62 -18.84
C PRO D 72 -15.51 13.79 -19.22
N PRO D 73 -14.97 14.51 -18.23
CA PRO D 73 -14.05 15.60 -18.54
C PRO D 73 -12.76 15.07 -19.12
N LYS D 74 -12.09 15.92 -19.90
CA LYS D 74 -10.79 15.54 -20.44
C LYS D 74 -9.64 16.13 -19.64
N THR D 75 -9.90 17.12 -18.78
CA THR D 75 -8.85 17.66 -17.92
C THR D 75 -8.80 16.91 -16.59
N GLY D 76 -9.88 16.95 -15.83
CA GLY D 76 -9.91 16.28 -14.55
C GLY D 76 -11.19 16.66 -13.81
N TYR D 77 -11.29 16.15 -12.59
CA TYR D 77 -12.52 16.23 -11.81
C TYR D 77 -12.42 17.18 -10.62
N SER D 78 -11.34 17.95 -10.50
CA SER D 78 -11.27 18.93 -9.43
C SER D 78 -12.23 20.08 -9.75
N GLY D 79 -12.59 20.82 -8.70
CA GLY D 79 -13.60 21.86 -8.87
C GLY D 79 -13.23 22.87 -9.93
N GLU D 80 -11.96 23.28 -9.95
CA GLU D 80 -11.53 24.32 -10.87
C GLU D 80 -11.54 23.83 -12.31
N GLN D 81 -11.25 22.54 -12.53
CA GLN D 81 -11.28 21.98 -13.87
C GLN D 81 -12.71 21.80 -14.36
N VAL D 82 -13.58 21.25 -13.52
CA VAL D 82 -14.96 21.04 -13.95
C VAL D 82 -15.67 22.36 -14.15
N ALA D 83 -15.36 23.37 -13.32
CA ALA D 83 -16.04 24.66 -13.42
C ALA D 83 -15.80 25.33 -14.76
N VAL D 84 -14.63 25.08 -15.38
CA VAL D 84 -14.38 25.62 -16.72
C VAL D 84 -15.47 25.17 -17.70
N TYR D 85 -15.79 23.86 -17.67
CA TYR D 85 -16.80 23.35 -18.59
C TYR D 85 -18.15 24.00 -18.35
N LEU D 86 -18.52 24.20 -17.07
CA LEU D 86 -19.85 24.71 -16.77
C LEU D 86 -19.96 26.20 -17.10
N HIS D 87 -18.90 26.96 -16.79
CA HIS D 87 -18.85 28.38 -17.16
C HIS D 87 -18.95 28.57 -18.67
N LYS D 88 -18.17 27.80 -19.43
CA LYS D 88 -18.18 28.01 -20.88
C LYS D 88 -19.50 27.57 -21.49
N LEU D 89 -20.11 26.51 -20.95
CA LEU D 89 -21.44 26.13 -21.41
C LEU D 89 -22.41 27.28 -21.23
N ALA D 90 -22.45 27.85 -20.01
CA ALA D 90 -23.38 28.94 -19.74
C ALA D 90 -23.13 30.13 -20.66
N ARG D 91 -21.86 30.46 -20.91
CA ARG D 91 -21.52 31.59 -21.75
CA ARG D 91 -21.58 31.62 -21.75
C ARG D 91 -21.94 31.38 -23.21
N GLN D 92 -22.04 30.11 -23.65
CA GLN D 92 -22.57 29.88 -24.99
C GLN D 92 -23.99 30.38 -25.11
N PHE D 93 -24.76 30.33 -24.03
CA PHE D 93 -26.16 30.70 -24.06
C PHE D 93 -26.43 32.09 -23.50
N SER D 94 -25.49 32.63 -22.71
CA SER D 94 -25.63 33.98 -22.15
C SER D 94 -24.33 34.75 -22.35
N PRO D 95 -23.93 34.98 -23.60
CA PRO D 95 -22.64 35.64 -23.83
C PRO D 95 -22.65 37.12 -23.48
N ASP D 96 -23.81 37.78 -23.47
CA ASP D 96 -23.89 39.22 -23.37
C ASP D 96 -24.45 39.74 -22.05
N ARG D 97 -24.73 38.88 -21.08
CA ARG D 97 -25.17 39.38 -19.78
C ARG D 97 -24.91 38.31 -18.73
N PRO D 98 -24.80 38.70 -17.46
CA PRO D 98 -24.58 37.70 -16.40
C PRO D 98 -25.77 36.77 -16.30
N PHE D 99 -25.52 35.60 -15.74
CA PHE D 99 -26.56 34.60 -15.56
C PHE D 99 -26.66 34.22 -14.08
N ASP D 100 -27.78 33.62 -13.71
CA ASP D 100 -27.96 33.12 -12.35
C ASP D 100 -27.49 31.68 -12.26
N LEU D 101 -27.09 31.28 -11.04
CA LEU D 101 -26.60 29.94 -10.80
C LEU D 101 -27.26 29.35 -9.57
N VAL D 102 -27.75 28.12 -9.69
CA VAL D 102 -28.33 27.35 -8.58
C VAL D 102 -27.62 25.99 -8.54
N ALA D 103 -27.04 25.64 -7.40
CA ALA D 103 -26.29 24.39 -7.33
C ALA D 103 -26.62 23.63 -6.05
N HIS D 104 -26.52 22.30 -6.15
CA HIS D 104 -26.88 21.37 -5.09
C HIS D 104 -25.75 20.35 -4.95
N ASP D 105 -25.32 20.10 -3.72
CA ASP D 105 -24.36 19.04 -3.39
C ASP D 105 -23.07 19.32 -4.18
N ILE D 106 -22.47 18.35 -4.88
CA ILE D 106 -21.20 18.63 -5.55
C ILE D 106 -21.34 19.61 -6.69
N GLY D 107 -22.56 19.94 -7.10
CA GLY D 107 -22.75 21.06 -8.01
C GLY D 107 -22.10 22.33 -7.48
N ILE D 108 -22.13 22.51 -6.15
CA ILE D 108 -21.40 23.60 -5.52
C ILE D 108 -19.92 23.48 -5.79
N TRP D 109 -19.36 22.28 -5.57
CA TRP D 109 -17.92 22.08 -5.71
C TRP D 109 -17.49 22.42 -7.12
N ASN D 110 -18.32 22.11 -8.09
CA ASN D 110 -18.00 22.22 -9.49
C ASN D 110 -18.37 23.58 -10.08
N THR D 111 -18.85 24.51 -9.26
CA THR D 111 -19.19 25.84 -9.77
C THR D 111 -18.50 26.97 -9.00
N TYR D 112 -18.23 26.76 -7.71
CA TYR D 112 -17.64 27.83 -6.92
C TYR D 112 -16.40 28.46 -7.56
N PRO D 113 -15.45 27.70 -8.15
CA PRO D 113 -14.28 28.37 -8.76
C PRO D 113 -14.65 29.32 -9.89
N MET D 114 -15.59 28.93 -10.76
CA MET D 114 -15.89 29.83 -11.86
C MET D 114 -16.70 31.03 -11.39
N VAL D 115 -17.48 30.88 -10.31
CA VAL D 115 -18.18 32.03 -9.72
C VAL D 115 -17.17 33.03 -9.17
N VAL D 116 -16.21 32.54 -8.38
CA VAL D 116 -15.30 33.47 -7.73
C VAL D 116 -14.35 34.11 -8.74
N LYS D 117 -14.06 33.41 -9.84
CA LYS D 117 -13.11 33.93 -10.82
C LYS D 117 -13.77 34.77 -11.91
N ASN D 118 -15.08 34.71 -12.06
CA ASN D 118 -15.82 35.40 -13.12
C ASN D 118 -17.03 36.12 -12.53
N GLN D 119 -16.80 36.90 -11.48
CA GLN D 119 -17.93 37.41 -10.71
C GLN D 119 -18.83 38.31 -11.54
N ALA D 120 -18.26 39.02 -12.53
CA ALA D 120 -19.08 39.87 -13.40
C ALA D 120 -20.05 39.06 -14.26
N ASP D 121 -19.81 37.75 -14.42
CA ASP D 121 -20.67 36.89 -15.22
C ASP D 121 -21.83 36.30 -14.42
N ILE D 122 -21.86 36.51 -13.10
CA ILE D 122 -22.84 35.87 -12.22
C ILE D 122 -23.73 36.95 -11.61
N ALA D 123 -25.03 36.91 -11.92
CA ALA D 123 -25.94 37.90 -11.38
C ALA D 123 -26.33 37.55 -9.94
N ARG D 124 -26.87 36.36 -9.71
CA ARG D 124 -27.31 35.91 -8.40
C ARG D 124 -27.00 34.43 -8.24
N LEU D 125 -26.76 34.03 -6.99
CA LEU D 125 -26.23 32.70 -6.66
C LEU D 125 -27.10 32.03 -5.60
N VAL D 126 -27.53 30.80 -5.88
CA VAL D 126 -28.23 29.97 -4.89
C VAL D 126 -27.42 28.70 -4.70
N TYR D 127 -27.01 28.41 -3.45
CA TYR D 127 -26.28 27.19 -3.13
C TYR D 127 -27.06 26.39 -2.10
N MET D 128 -27.15 25.07 -2.27
CA MET D 128 -27.89 24.27 -1.29
C MET D 128 -27.20 22.93 -1.02
N GLN D 129 -27.16 22.58 0.26
CA GLN D 129 -26.80 21.24 0.74
C GLN D 129 -25.45 20.75 0.21
N ALA D 130 -24.41 21.48 0.55
CA ALA D 130 -23.04 20.99 0.48
C ALA D 130 -22.09 22.03 1.03
N PRO D 131 -21.01 21.62 1.69
CA PRO D 131 -19.97 22.58 2.02
C PRO D 131 -19.21 22.96 0.76
N ILE D 132 -18.86 24.23 0.66
CA ILE D 132 -17.75 24.56 -0.24
C ILE D 132 -16.51 23.82 0.26
N PRO D 133 -15.75 23.14 -0.60
CA PRO D 133 -14.59 22.38 -0.12
C PRO D 133 -13.56 23.31 0.50
N ASP D 134 -13.34 23.14 1.80
CA ASP D 134 -12.31 23.88 2.52
C ASP D 134 -12.02 23.11 3.80
N ALA D 135 -11.19 23.69 4.67
CA ALA D 135 -10.69 22.92 5.80
C ALA D 135 -11.78 22.53 6.80
N ARG D 136 -12.98 23.13 6.71
CA ARG D 136 -14.07 22.74 7.59
C ARG D 136 -14.46 21.27 7.42
N ILE D 137 -14.28 20.69 6.23
CA ILE D 137 -14.72 19.32 6.04
C ILE D 137 -13.86 18.34 6.81
N TYR D 138 -12.67 18.73 7.25
CA TYR D 138 -11.77 17.87 8.01
C TYR D 138 -12.21 17.69 9.45
N ARG D 139 -13.27 18.38 9.87
CA ARG D 139 -13.81 18.30 11.22
C ARG D 139 -15.00 17.36 11.34
N PHE D 140 -15.72 17.12 10.24
CA PHE D 140 -16.93 16.32 10.28
C PHE D 140 -16.64 14.93 10.83
N PRO D 141 -17.36 14.49 11.88
CA PRO D 141 -17.06 13.19 12.51
C PRO D 141 -17.39 11.98 11.63
N ALA D 142 -16.55 10.94 11.75
CA ALA D 142 -16.76 9.71 11.01
C ALA D 142 -17.98 8.93 11.46
N PHE D 143 -18.34 9.03 12.75
CA PHE D 143 -19.31 8.13 13.37
C PHE D 143 -20.08 8.90 14.44
N THR D 144 -21.36 8.56 14.63
CA THR D 144 -22.20 9.31 15.55
C THR D 144 -22.83 8.37 16.58
N ALA D 145 -23.23 8.94 17.71
CA ALA D 145 -23.94 8.19 18.74
C ALA D 145 -25.27 7.59 18.25
N GLN D 146 -25.73 7.96 17.06
CA GLN D 146 -26.94 7.40 16.46
C GLN D 146 -26.66 6.40 15.34
N GLY D 147 -25.39 6.21 14.95
CA GLY D 147 -25.06 5.30 13.88
C GLY D 147 -24.23 5.95 12.79
N GLU D 148 -24.42 5.51 11.54
CA GLU D 148 -23.63 6.04 10.43
C GLU D 148 -23.84 7.54 10.30
N SER D 149 -22.76 8.26 9.97
CA SER D 149 -22.79 9.71 9.83
C SER D 149 -23.24 10.11 8.43
N LEU D 150 -23.33 11.42 8.20
CA LEU D 150 -23.72 11.94 6.90
C LEU D 150 -22.55 12.09 5.96
N VAL D 151 -21.33 11.93 6.44
CA VAL D 151 -20.14 12.32 5.69
C VAL D 151 -19.15 11.18 5.46
N TRP D 152 -19.36 10.00 6.05
CA TRP D 152 -18.39 8.93 5.83
C TRP D 152 -18.25 8.57 4.36
N HIS D 153 -19.22 8.94 3.53
CA HIS D 153 -19.10 8.64 2.11
C HIS D 153 -17.95 9.37 1.46
N PHE D 154 -17.52 10.52 2.02
CA PHE D 154 -16.36 11.22 1.47
C PHE D 154 -15.17 10.26 1.33
N SER D 155 -14.88 9.49 2.38
CA SER D 155 -13.73 8.60 2.36
C SER D 155 -13.99 7.34 1.54
N PHE D 156 -15.21 6.80 1.64
CA PHE D 156 -15.57 5.63 0.84
C PHE D 156 -15.40 5.92 -0.65
N PHE D 157 -15.89 7.09 -1.09
CA PHE D 157 -15.80 7.45 -2.50
C PHE D 157 -14.37 7.86 -2.89
N ALA D 158 -13.61 8.46 -1.96
CA ALA D 158 -12.25 8.88 -2.28
C ALA D 158 -11.23 7.75 -2.23
N ALA D 159 -11.56 6.61 -1.62
CA ALA D 159 -10.62 5.51 -1.53
C ALA D 159 -10.13 5.07 -2.91
N ASP D 160 -8.88 4.58 -2.96
CA ASP D 160 -8.28 4.11 -4.21
C ASP D 160 -8.69 2.65 -4.46
N ASP D 161 -8.00 1.96 -5.38
CA ASP D 161 -8.31 0.59 -5.79
C ASP D 161 -9.66 0.50 -6.49
N ARG D 162 -10.26 1.61 -6.88
CA ARG D 162 -11.65 1.63 -7.36
C ARG D 162 -12.56 0.92 -6.36
N LEU D 163 -12.33 1.19 -5.07
CA LEU D 163 -13.06 0.51 -4.01
C LEU D 163 -14.57 0.66 -4.20
N ALA D 164 -15.04 1.89 -4.37
CA ALA D 164 -16.48 2.12 -4.43
C ALA D 164 -17.10 1.48 -5.68
N GLU D 165 -16.46 1.65 -6.84
CA GLU D 165 -17.00 1.03 -8.05
C GLU D 165 -17.07 -0.48 -7.90
N THR D 166 -16.07 -1.06 -7.25
CA THR D 166 -15.96 -2.51 -7.22
C THR D 166 -17.03 -3.10 -6.30
N LEU D 167 -17.26 -2.47 -5.15
CA LEU D 167 -18.25 -2.98 -4.20
C LEU D 167 -19.67 -2.65 -4.64
N ILE D 168 -19.87 -1.51 -5.31
CA ILE D 168 -21.22 -1.12 -5.68
C ILE D 168 -21.68 -1.77 -6.99
N ALA D 169 -20.77 -2.17 -7.86
CA ALA D 169 -21.16 -2.81 -9.10
C ALA D 169 -22.01 -4.04 -8.82
N GLY D 170 -23.08 -4.20 -9.59
CA GLY D 170 -24.07 -5.23 -9.33
C GLY D 170 -25.10 -4.87 -8.29
N LYS D 171 -24.83 -3.88 -7.43
CA LYS D 171 -25.75 -3.47 -6.36
C LYS D 171 -26.07 -1.98 -6.44
N GLU D 172 -26.11 -1.42 -7.66
CA GLU D 172 -26.21 0.03 -7.77
C GLU D 172 -27.56 0.54 -7.26
N ARG D 173 -28.64 -0.18 -7.57
CA ARG D 173 -29.97 0.23 -7.13
C ARG D 173 -30.10 0.11 -5.62
N PHE D 174 -29.60 -0.99 -5.05
CA PHE D 174 -29.58 -1.16 -3.61
C PHE D 174 -28.82 -0.05 -2.92
N PHE D 175 -27.63 0.28 -3.43
CA PHE D 175 -26.82 1.28 -2.76
C PHE D 175 -27.45 2.66 -2.90
N LEU D 176 -28.05 2.96 -4.06
CA LEU D 176 -28.66 4.27 -4.24
C LEU D 176 -29.84 4.45 -3.28
N GLU D 177 -30.67 3.44 -3.12
CA GLU D 177 -31.76 3.58 -2.15
C GLU D 177 -31.22 3.82 -0.77
N HIS D 178 -30.12 3.16 -0.41
CA HIS D 178 -29.56 3.35 0.92
C HIS D 178 -29.09 4.77 1.13
N PHE D 179 -28.30 5.32 0.19
CA PHE D 179 -27.78 6.67 0.48
C PHE D 179 -28.83 7.76 0.26
N ILE D 180 -29.80 7.54 -0.63
CA ILE D 180 -30.94 8.45 -0.69
C ILE D 180 -31.63 8.49 0.67
N LYS D 181 -32.09 7.34 1.15
CA LYS D 181 -32.89 7.34 2.37
C LYS D 181 -32.06 7.74 3.58
N SER D 182 -30.76 7.42 3.61
CA SER D 182 -29.98 7.77 4.78
C SER D 182 -29.67 9.27 4.85
N HIS D 183 -29.82 10.00 3.75
CA HIS D 183 -29.69 11.46 3.78
C HIS D 183 -31.03 12.17 3.66
N ALA D 184 -32.13 11.44 3.77
CA ALA D 184 -33.46 12.00 3.64
C ALA D 184 -34.15 12.13 4.99
N SER D 185 -35.03 13.12 5.08
CA SER D 185 -36.04 13.18 6.13
CA SER D 185 -36.02 13.15 6.14
C SER D 185 -37.37 12.58 5.67
N ASN D 186 -37.81 12.89 4.46
N ASN D 186 -37.76 12.96 4.45
CA ASN D 186 -39.10 12.37 3.99
CA ASN D 186 -38.98 12.48 3.79
C ASN D 186 -38.84 11.44 2.81
C ASN D 186 -38.56 11.43 2.77
N THR D 187 -38.67 10.16 3.13
CA THR D 187 -38.40 9.12 2.13
C THR D 187 -39.58 8.88 1.19
N GLU D 188 -40.79 9.25 1.61
CA GLU D 188 -41.98 8.93 0.81
C GLU D 188 -42.01 9.67 -0.51
N VAL D 189 -41.20 10.72 -0.69
CA VAL D 189 -41.22 11.45 -1.96
C VAL D 189 -40.48 10.70 -3.06
N PHE D 190 -39.73 9.66 -2.73
CA PHE D 190 -38.93 8.90 -3.71
C PHE D 190 -39.68 7.61 -4.04
N SER D 191 -40.40 7.62 -5.16
CA SER D 191 -41.05 6.40 -5.62
C SER D 191 -39.99 5.36 -5.98
N GLU D 192 -40.42 4.09 -6.01
CA GLU D 192 -39.49 3.06 -6.46
C GLU D 192 -39.04 3.30 -7.90
N ARG D 193 -39.94 3.83 -8.73
CA ARG D 193 -39.60 4.15 -10.11
C ARG D 193 -38.54 5.24 -10.20
N LEU D 194 -38.70 6.32 -9.44
CA LEU D 194 -37.69 7.38 -9.44
C LEU D 194 -36.31 6.84 -9.06
N LEU D 195 -36.26 5.96 -8.05
CA LEU D 195 -34.98 5.37 -7.66
C LEU D 195 -34.43 4.49 -8.76
N ASP D 196 -35.31 3.79 -9.48
CA ASP D 196 -34.87 2.98 -10.61
C ASP D 196 -34.18 3.86 -11.66
N LEU D 197 -34.76 5.02 -11.97
CA LEU D 197 -34.20 5.88 -13.01
C LEU D 197 -32.84 6.44 -12.61
N TYR D 198 -32.69 6.87 -11.35
CA TYR D 198 -31.39 7.37 -10.93
C TYR D 198 -30.36 6.26 -10.90
N ALA D 199 -30.77 5.06 -10.49
CA ALA D 199 -29.82 3.95 -10.39
C ALA D 199 -29.34 3.52 -11.77
N ARG D 200 -30.24 3.41 -12.77
CA ARG D 200 -29.79 2.99 -14.09
C ARG D 200 -28.83 4.01 -14.68
N SER D 201 -29.05 5.30 -14.41
CA SER D 201 -28.17 6.32 -14.95
C SER D 201 -26.76 6.19 -14.38
N TYR D 202 -26.64 6.20 -13.04
CA TYR D 202 -25.28 6.22 -12.50
C TYR D 202 -24.64 4.85 -12.51
N ALA D 203 -25.39 3.80 -12.84
CA ALA D 203 -24.81 2.48 -12.97
C ALA D 203 -24.02 2.29 -14.26
N LYS D 204 -24.19 3.18 -15.25
CA LYS D 204 -23.30 3.15 -16.40
C LYS D 204 -21.86 3.15 -15.89
N PRO D 205 -21.01 2.21 -16.33
CA PRO D 205 -19.66 2.11 -15.76
C PRO D 205 -18.88 3.41 -15.77
N HIS D 206 -18.92 4.19 -16.85
CA HIS D 206 -18.17 5.44 -16.81
C HIS D 206 -18.83 6.46 -15.89
N SER D 207 -20.14 6.38 -15.69
CA SER D 207 -20.79 7.30 -14.77
C SER D 207 -20.58 6.90 -13.32
N LEU D 208 -20.55 5.60 -13.05
CA LEU D 208 -20.25 5.16 -11.68
C LEU D 208 -18.84 5.59 -11.27
N ASN D 209 -17.86 5.43 -12.17
CA ASN D 209 -16.51 5.91 -11.88
C ASN D 209 -16.47 7.43 -11.79
N ALA D 210 -17.13 8.13 -12.74
CA ALA D 210 -17.14 9.58 -12.70
C ALA D 210 -17.63 10.09 -11.36
N SER D 211 -18.69 9.48 -10.84
CA SER D 211 -19.26 9.88 -9.55
C SER D 211 -18.17 9.96 -8.48
N PHE D 212 -17.32 8.95 -8.41
CA PHE D 212 -16.35 8.91 -7.32
C PHE D 212 -15.09 9.71 -7.61
N GLU D 213 -14.77 9.95 -8.88
CA GLU D 213 -13.60 10.76 -9.20
C GLU D 213 -13.76 12.19 -8.67
N TYR D 214 -15.00 12.68 -8.61
CA TYR D 214 -15.23 13.98 -7.96
C TYR D 214 -14.71 13.96 -6.53
N TYR D 215 -14.87 12.84 -5.83
CA TYR D 215 -14.42 12.72 -4.44
C TYR D 215 -12.93 12.43 -4.36
N ARG D 216 -12.40 11.64 -5.29
CA ARG D 216 -10.96 11.44 -5.32
C ARG D 216 -10.23 12.74 -5.63
N ALA D 217 -10.92 13.76 -6.13
CA ALA D 217 -10.30 15.06 -6.34
C ALA D 217 -10.64 16.07 -5.25
N LEU D 218 -11.33 15.64 -4.19
CA LEU D 218 -11.85 16.60 -3.20
C LEU D 218 -10.73 17.36 -2.49
N ASN D 219 -9.68 16.65 -2.06
CA ASN D 219 -8.57 17.35 -1.40
C ASN D 219 -7.87 18.32 -2.34
N GLU D 220 -7.80 18.00 -3.63
CA GLU D 220 -7.24 18.96 -4.58
C GLU D 220 -8.13 20.20 -4.69
N SER D 221 -9.44 20.01 -4.71
CA SER D 221 -10.37 21.15 -4.73
C SER D 221 -10.24 22.01 -3.47
N VAL D 222 -10.15 21.39 -2.30
CA VAL D 222 -9.87 22.12 -1.05
C VAL D 222 -8.63 23.00 -1.22
N ARG D 223 -7.55 22.42 -1.76
CA ARG D 223 -6.31 23.17 -1.94
C ARG D 223 -6.49 24.32 -2.93
N GLN D 224 -7.22 24.06 -4.03
CA GLN D 224 -7.51 25.13 -4.98
C GLN D 224 -8.32 26.25 -4.33
N ASN D 225 -9.31 25.88 -3.52
CA ASN D 225 -10.18 26.91 -2.94
C ASN D 225 -9.46 27.74 -1.88
N ALA D 226 -8.44 27.18 -1.24
CA ALA D 226 -7.67 27.96 -0.27
C ALA D 226 -7.01 29.16 -0.92
N GLU D 227 -6.62 29.05 -2.20
CA GLU D 227 -6.17 30.24 -2.92
C GLU D 227 -7.34 31.06 -3.45
N LEU D 228 -8.35 30.41 -4.03
CA LEU D 228 -9.45 31.15 -4.62
C LEU D 228 -10.19 32.00 -3.59
N ALA D 229 -10.27 31.53 -2.34
CA ALA D 229 -11.12 32.19 -1.37
C ALA D 229 -10.53 33.50 -0.85
N LYS D 230 -9.33 33.88 -1.30
CA LYS D 230 -8.82 35.21 -0.98
C LYS D 230 -9.72 36.31 -1.53
N THR D 231 -10.54 36.00 -2.54
CA THR D 231 -11.47 36.93 -3.17
C THR D 231 -12.90 36.60 -2.72
N ARG D 232 -13.48 37.50 -1.93
CA ARG D 232 -14.84 37.30 -1.43
C ARG D 232 -15.85 37.43 -2.56
N LEU D 233 -16.96 36.69 -2.45
CA LEU D 233 -18.05 36.76 -3.42
C LEU D 233 -18.89 38.03 -3.20
N GLN D 234 -19.18 38.76 -4.28
CA GLN D 234 -19.85 40.04 -4.19
C GLN D 234 -21.29 40.04 -4.70
N MET D 235 -21.74 39.01 -5.39
CA MET D 235 -23.10 39.00 -5.91
C MET D 235 -24.10 38.58 -4.83
N PRO D 236 -25.37 38.97 -4.98
CA PRO D 236 -26.42 38.48 -4.05
C PRO D 236 -26.48 36.97 -4.03
N THR D 237 -26.44 36.40 -2.82
CA THR D 237 -26.38 34.95 -2.64
C THR D 237 -27.49 34.49 -1.69
N MET D 238 -28.08 33.32 -1.97
CA MET D 238 -28.98 32.67 -1.04
C MET D 238 -28.52 31.24 -0.79
N THR D 239 -28.56 30.80 0.48
CA THR D 239 -28.32 29.40 0.80
C THR D 239 -29.60 28.75 1.33
N LEU D 240 -29.72 27.45 1.03
CA LEU D 240 -30.80 26.62 1.54
C LEU D 240 -30.20 25.34 2.11
N ALA D 241 -30.80 24.85 3.18
CA ALA D 241 -30.37 23.62 3.84
C ALA D 241 -31.57 22.99 4.52
N GLY D 242 -31.59 21.66 4.55
CA GLY D 242 -32.62 20.97 5.29
C GLY D 242 -32.44 21.12 6.79
N GLY D 243 -33.56 21.18 7.51
CA GLY D 243 -33.56 21.17 8.95
C GLY D 243 -33.70 19.81 9.60
N GLY D 244 -34.09 18.80 8.83
CA GLY D 244 -34.30 17.47 9.35
C GLY D 244 -33.10 16.57 9.13
N HIS D 245 -33.35 15.27 9.32
CA HIS D 245 -32.30 14.27 9.14
C HIS D 245 -31.75 14.35 7.72
N GLY D 246 -30.42 14.38 7.62
CA GLY D 246 -29.74 14.57 6.36
C GLY D 246 -29.47 16.01 6.00
N GLY D 247 -30.13 16.95 6.67
CA GLY D 247 -29.96 18.34 6.34
C GLY D 247 -28.73 18.93 6.99
N MET D 248 -28.22 19.99 6.40
CA MET D 248 -27.04 20.64 6.94
C MET D 248 -27.35 21.73 7.95
N GLY D 249 -28.61 22.07 8.15
CA GLY D 249 -28.94 23.03 9.20
C GLY D 249 -28.23 24.34 8.99
N THR D 250 -27.74 24.92 10.10
CA THR D 250 -27.15 26.24 10.08
C THR D 250 -25.77 26.27 9.42
N PHE D 251 -25.13 25.12 9.19
CA PHE D 251 -23.77 25.12 8.66
C PHE D 251 -23.69 25.82 7.31
N GLN D 252 -24.72 25.63 6.46
CA GLN D 252 -24.66 26.16 5.09
C GLN D 252 -24.53 27.67 5.08
N LEU D 253 -25.43 28.37 5.77
CA LEU D 253 -25.34 29.83 5.81
C LEU D 253 -24.10 30.31 6.56
N GLU D 254 -23.77 29.64 7.67
CA GLU D 254 -22.63 30.09 8.46
C GLU D 254 -21.33 29.94 7.68
N GLN D 255 -21.18 28.86 6.92
CA GLN D 255 -20.00 28.79 6.06
C GLN D 255 -20.04 29.86 4.98
N MET D 256 -21.18 29.99 4.28
CA MET D 256 -21.25 30.95 3.18
C MET D 256 -20.98 32.37 3.65
N LYS D 257 -21.25 32.67 4.93
CA LYS D 257 -20.94 33.99 5.45
C LYS D 257 -19.44 34.29 5.38
N ALA D 258 -18.60 33.26 5.40
CA ALA D 258 -17.17 33.50 5.26
C ALA D 258 -16.76 33.75 3.81
N TYR D 259 -17.60 33.37 2.84
CA TYR D 259 -17.26 33.52 1.44
C TYR D 259 -17.96 34.69 0.76
N ALA D 260 -19.10 35.14 1.27
CA ALA D 260 -19.98 36.04 0.53
C ALA D 260 -20.37 37.23 1.39
N GLU D 261 -20.27 38.42 0.81
CA GLU D 261 -20.61 39.64 1.55
C GLU D 261 -22.12 39.80 1.71
N ASP D 262 -22.89 39.39 0.71
CA ASP D 262 -24.33 39.66 0.64
C ASP D 262 -25.07 38.34 0.55
N VAL D 263 -25.42 37.76 1.68
CA VAL D 263 -25.98 36.41 1.71
C VAL D 263 -27.13 36.34 2.70
N GLU D 264 -28.16 35.60 2.33
CA GLU D 264 -29.28 35.25 3.17
C GLU D 264 -29.47 33.74 3.11
N GLY D 265 -30.00 33.17 4.17
CA GLY D 265 -30.11 31.72 4.24
C GLY D 265 -31.46 31.31 4.79
N HIS D 266 -31.84 30.08 4.48
CA HIS D 266 -33.03 29.49 5.07
C HIS D 266 -32.74 28.04 5.40
N VAL D 267 -33.30 27.59 6.52
CA VAL D 267 -33.27 26.19 6.91
C VAL D 267 -34.70 25.68 6.81
N LEU D 268 -34.87 24.55 6.13
CA LEU D 268 -36.21 24.06 5.81
C LEU D 268 -36.60 22.94 6.76
N PRO D 269 -37.45 23.20 7.76
CA PRO D 269 -37.85 22.13 8.69
C PRO D 269 -38.59 21.02 7.97
N GLY D 270 -38.33 19.78 8.39
CA GLY D 270 -38.96 18.61 7.81
C GLY D 270 -38.34 18.13 6.52
N CYS D 271 -37.15 18.62 6.18
CA CYS D 271 -36.47 18.33 4.92
C CYS D 271 -35.05 17.92 5.22
N GLY D 272 -34.56 16.96 4.47
CA GLY D 272 -33.19 16.49 4.61
C GLY D 272 -32.30 17.06 3.52
N HIS D 273 -31.59 16.18 2.83
CA HIS D 273 -30.59 16.61 1.85
C HIS D 273 -31.22 16.88 0.48
N TRP D 274 -32.20 16.07 0.07
CA TRP D 274 -32.71 16.08 -1.29
C TRP D 274 -33.78 17.16 -1.49
N LEU D 275 -33.39 18.41 -1.24
CA LEU D 275 -34.37 19.51 -1.16
C LEU D 275 -35.33 19.58 -2.34
N PRO D 276 -34.87 19.55 -3.61
CA PRO D 276 -35.83 19.69 -4.72
C PRO D 276 -36.93 18.63 -4.72
N GLU D 277 -36.68 17.47 -4.14
CA GLU D 277 -37.67 16.40 -4.07
C GLU D 277 -38.39 16.31 -2.72
N GLU D 278 -37.67 16.51 -1.61
CA GLU D 278 -38.34 16.41 -0.32
C GLU D 278 -39.16 17.65 0.00
N CYS D 279 -38.74 18.81 -0.49
CA CYS D 279 -39.41 20.06 -0.16
C CYS D 279 -39.53 20.90 -1.43
N ALA D 280 -40.13 20.27 -2.45
CA ALA D 280 -40.21 20.87 -3.78
C ALA D 280 -40.86 22.24 -3.75
N ALA D 281 -42.07 22.33 -3.18
CA ALA D 281 -42.81 23.58 -3.24
C ALA D 281 -42.12 24.72 -2.49
N PRO D 282 -41.74 24.59 -1.21
CA PRO D 282 -41.06 25.71 -0.55
C PRO D 282 -39.70 26.04 -1.16
N MET D 283 -38.93 25.02 -1.54
CA MET D 283 -37.67 25.28 -2.21
C MET D 283 -37.87 26.05 -3.50
N ASN D 284 -38.81 25.59 -4.33
CA ASN D 284 -39.08 26.27 -5.60
C ASN D 284 -39.46 27.72 -5.36
N ARG D 285 -40.34 27.94 -4.38
CA ARG D 285 -40.83 29.29 -4.09
C ARG D 285 -39.69 30.20 -3.65
N LEU D 286 -38.82 29.71 -2.76
CA LEU D 286 -37.72 30.55 -2.29
C LEU D 286 -36.74 30.86 -3.41
N VAL D 287 -36.45 29.87 -4.27
CA VAL D 287 -35.53 30.11 -5.39
C VAL D 287 -36.14 31.08 -6.39
N ILE D 288 -37.40 30.86 -6.77
CA ILE D 288 -38.03 31.72 -7.77
C ILE D 288 -38.11 33.17 -7.28
N ASP D 289 -38.52 33.35 -6.01
CA ASP D 289 -38.63 34.69 -5.45
C ASP D 289 -37.27 35.37 -5.34
N PHE D 290 -36.26 34.65 -4.86
CA PHE D 290 -34.93 35.24 -4.74
C PHE D 290 -34.38 35.64 -6.11
N LEU D 291 -34.56 34.80 -7.12
CA LEU D 291 -34.06 35.14 -8.44
C LEU D 291 -34.90 36.21 -9.12
N SER D 292 -36.18 36.35 -8.75
CA SER D 292 -37.05 37.32 -9.39
C SER D 292 -36.92 38.73 -8.82
N ARG D 293 -36.16 38.92 -7.74
CA ARG D 293 -35.74 40.26 -7.35
C ARG D 293 -34.84 40.91 -8.40
N GLY D 294 -34.26 40.11 -9.30
CA GLY D 294 -33.47 40.63 -10.40
C GLY D 294 -34.28 40.80 -11.69
N ARG D 295 -33.66 41.51 -12.65
CA ARG D 295 -34.34 41.91 -13.87
C ARG D 295 -34.66 40.74 -14.78
N HIS D 296 -35.86 40.16 -14.63
CA HIS D 296 -36.26 38.93 -15.30
C HIS D 296 -37.35 39.20 -16.33
N HIS D 297 -37.69 38.15 -17.06
CA HIS D 297 -38.84 38.16 -17.96
C HIS D 297 -40.14 37.89 -17.18
#